data_4D1F
#
_entry.id   4D1F
#
_cell.length_a   79.660
_cell.length_b   122.450
_cell.length_c   133.730
_cell.angle_alpha   90.00
_cell.angle_beta   90.00
_cell.angle_gamma   90.00
#
_symmetry.space_group_name_H-M   'P 21 21 21'
#
loop_
_entity.id
_entity.type
_entity.pdbx_description
1 polymer 'FIBER PROTEIN'
2 non-polymer GLYCEROL
3 water water
#
_entity_poly.entity_id   1
_entity_poly.type   'polypeptide(L)'
_entity_poly.pdbx_seq_one_letter_code
;GSSHHHHHHSSGLVPRGSHMASMTGGQQMGRGSPSPPSKTSLDIAEELQNDKGVSFAFQAREEELGAFTKRTLFAYSGDG
LTGPFKAPASAELSSFLTAHPKGRWLIAFPLGTGIVSVDEGILTLEISRSLPEVGSGSSFYLTEK
;
_entity_poly.pdbx_strand_id   A,B,C,D,E,F,G,H,I,J,K,L
#
loop_
_chem_comp.id
_chem_comp.type
_chem_comp.name
_chem_comp.formula
GOL non-polymer GLYCEROL 'C3 H8 O3'
#
# COMPACT_ATOMS: atom_id res chain seq x y z
N THR A 40 33.35 5.32 24.00
CA THR A 40 33.56 4.39 22.86
C THR A 40 34.68 3.43 23.22
N SER A 41 34.35 2.15 23.40
CA SER A 41 35.38 1.13 23.67
C SER A 41 35.63 0.18 22.46
N LEU A 42 35.19 0.59 21.27
CA LEU A 42 35.34 -0.25 20.07
C LEU A 42 34.76 0.40 18.79
N ASP A 43 35.53 0.25 17.70
CA ASP A 43 35.12 0.63 16.33
C ASP A 43 35.81 -0.22 15.28
N ILE A 44 35.14 -1.27 14.82
CA ILE A 44 35.59 -2.04 13.68
C ILE A 44 34.89 -1.44 12.45
N ALA A 45 35.58 -1.41 11.32
CA ALA A 45 34.96 -1.15 10.02
C ALA A 45 35.52 -2.15 9.00
N GLU A 46 34.67 -2.67 8.13
CA GLU A 46 35.16 -3.41 6.98
C GLU A 46 34.24 -3.40 5.78
N GLU A 47 34.84 -3.64 4.61
CA GLU A 47 34.10 -3.81 3.38
C GLU A 47 33.99 -5.30 3.07
N LEU A 48 32.79 -5.72 2.69
CA LEU A 48 32.51 -7.09 2.32
C LEU A 48 31.95 -7.10 0.93
N GLN A 49 32.23 -8.17 0.21
CA GLN A 49 31.83 -8.25 -1.18
C GLN A 49 31.33 -9.64 -1.50
N ASN A 50 30.25 -9.73 -2.29
CA ASN A 50 29.74 -11.05 -2.63
C ASN A 50 30.20 -11.58 -3.99
N ASP A 51 29.59 -12.69 -4.37
CA ASP A 51 29.91 -13.40 -5.58
C ASP A 51 29.62 -12.61 -6.86
N LYS A 52 28.72 -11.63 -6.82
CA LYS A 52 28.39 -10.87 -8.01
C LYS A 52 29.00 -9.50 -7.93
N GLY A 53 29.82 -9.26 -6.92
CA GLY A 53 30.47 -7.97 -6.78
C GLY A 53 29.63 -6.83 -6.20
N VAL A 54 28.60 -7.17 -5.40
CA VAL A 54 27.89 -6.20 -4.54
C VAL A 54 28.76 -5.91 -3.29
N SER A 55 29.00 -4.63 -2.98
CA SER A 55 29.87 -4.24 -1.83
C SER A 55 29.09 -3.57 -0.73
N PHE A 56 29.35 -4.01 0.49
CA PHE A 56 28.77 -3.40 1.63
C PHE A 56 29.89 -2.97 2.50
N ALA A 57 29.75 -1.80 3.13
CA ALA A 57 30.65 -1.41 4.17
C ALA A 57 29.88 -1.51 5.48
N PHE A 58 30.53 -2.09 6.51
CA PHE A 58 29.97 -2.19 7.85
C PHE A 58 30.82 -1.49 8.88
N GLN A 59 30.18 -0.87 9.85
CA GLN A 59 30.89 -0.36 11.02
C GLN A 59 30.20 -0.86 12.25
N ALA A 60 30.97 -1.46 13.14
CA ALA A 60 30.48 -1.93 14.43
C ALA A 60 31.04 -1.02 15.49
N ARG A 61 30.18 -0.60 16.41
CA ARG A 61 30.59 0.32 17.44
C ARG A 61 30.05 -0.11 18.78
N GLU A 62 30.89 -0.04 19.80
CA GLU A 62 30.44 -0.30 21.17
C GLU A 62 30.69 0.94 22.01
N GLU A 63 29.74 1.28 22.88
CA GLU A 63 29.82 2.48 23.73
C GLU A 63 29.40 2.13 25.16
N GLU A 64 30.07 2.68 26.14
CA GLU A 64 29.68 2.42 27.52
C GLU A 64 29.06 3.65 28.09
N LEU A 65 27.93 3.47 28.77
CA LEU A 65 27.14 4.58 29.30
C LEU A 65 26.77 4.28 30.76
N GLY A 66 27.75 4.39 31.65
CA GLY A 66 27.56 3.99 33.05
C GLY A 66 27.16 2.53 33.12
N ALA A 67 25.94 2.27 33.62
CA ALA A 67 25.39 0.90 33.79
C ALA A 67 25.12 0.13 32.47
N PHE A 68 25.03 0.87 31.35
CA PHE A 68 24.58 0.35 30.05
C PHE A 68 25.69 0.29 29.02
N THR A 69 25.56 -0.68 28.11
CA THR A 69 26.34 -0.73 26.88
C THR A 69 25.40 -0.56 25.68
N LYS A 70 25.90 0.12 24.65
CA LYS A 70 25.21 0.24 23.40
C LYS A 70 26.04 -0.36 22.27
N ARG A 71 25.47 -1.28 21.51
CA ARG A 71 26.15 -1.80 20.35
C ARG A 71 25.37 -1.45 19.08
N THR A 72 26.04 -0.74 18.18
CA THR A 72 25.46 -0.30 16.93
C THR A 72 26.18 -0.91 15.70
N LEU A 73 25.35 -1.47 14.80
CA LEU A 73 25.77 -1.79 13.47
C LEU A 73 25.34 -0.67 12.47
N PHE A 74 26.28 -0.21 11.66
CA PHE A 74 26.04 0.70 10.60
C PHE A 74 26.32 -0.04 9.27
N ALA A 75 25.47 0.16 8.28
CA ALA A 75 25.64 -0.50 6.99
C ALA A 75 25.41 0.45 5.83
N TYR A 76 26.26 0.35 4.82
CA TYR A 76 26.15 1.16 3.63
C TYR A 76 26.47 0.35 2.38
N SER A 77 25.64 0.53 1.36
CA SER A 77 25.98 0.04 0.06
C SER A 77 25.40 0.99 -0.97
N GLY A 78 26.19 1.26 -2.00
CA GLY A 78 25.71 2.01 -3.14
C GLY A 78 24.99 1.16 -4.17
N ASP A 79 25.09 -0.17 -4.02
CA ASP A 79 24.58 -1.13 -4.97
C ASP A 79 23.08 -1.41 -4.75
N GLY A 80 22.44 -2.02 -5.73
CA GLY A 80 21.10 -2.54 -5.55
C GLY A 80 21.19 -3.99 -5.13
N LEU A 81 20.09 -4.55 -4.68
CA LEU A 81 20.10 -5.89 -4.15
C LEU A 81 18.77 -6.55 -4.39
N THR A 82 18.77 -7.76 -4.94
CA THR A 82 17.52 -8.47 -5.17
C THR A 82 17.37 -9.64 -4.24
N GLY A 83 18.37 -10.49 -4.14
CA GLY A 83 18.34 -11.62 -3.20
C GLY A 83 19.12 -11.31 -1.96
N PRO A 84 19.45 -12.33 -1.15
CA PRO A 84 20.23 -12.11 0.05
C PRO A 84 21.66 -11.77 -0.29
N PHE A 85 22.33 -11.07 0.61
CA PHE A 85 23.73 -10.80 0.48
C PHE A 85 24.51 -11.72 1.44
N LYS A 86 25.38 -12.57 0.88
CA LYS A 86 26.26 -13.43 1.68
C LYS A 86 27.73 -13.14 1.39
N ALA A 87 28.52 -12.98 2.44
CA ALA A 87 29.94 -12.71 2.31
C ALA A 87 30.65 -13.13 3.59
N PRO A 88 31.92 -13.58 3.49
CA PRO A 88 32.62 -13.96 4.70
C PRO A 88 33.05 -12.74 5.49
N ALA A 89 32.88 -12.79 6.81
CA ALA A 89 33.29 -11.70 7.68
C ALA A 89 34.57 -12.03 8.47
N SER A 90 35.25 -10.97 8.93
CA SER A 90 36.35 -11.14 9.89
C SER A 90 35.84 -11.79 11.19
N ALA A 91 36.74 -12.26 12.05
CA ALA A 91 36.33 -12.91 13.31
C ALA A 91 35.83 -11.89 14.31
N GLU A 92 36.35 -10.67 14.24
CA GLU A 92 35.91 -9.59 15.12
C GLU A 92 34.47 -9.19 14.85
N LEU A 93 34.13 -9.03 13.56
CA LEU A 93 32.76 -8.71 13.18
C LEU A 93 31.80 -9.85 13.49
N SER A 94 32.18 -11.08 13.19
CA SER A 94 31.34 -12.23 13.52
C SER A 94 31.04 -12.27 15.01
N SER A 95 32.02 -11.87 15.79
CA SER A 95 31.92 -11.95 17.21
C SER A 95 30.95 -10.89 17.72
N PHE A 96 31.10 -9.68 17.20
CA PHE A 96 30.20 -8.56 17.46
C PHE A 96 28.76 -8.91 17.07
N LEU A 97 28.59 -9.41 15.86
CA LEU A 97 27.27 -9.72 15.34
C LEU A 97 26.50 -10.78 16.10
N THR A 98 27.24 -11.70 16.71
CA THR A 98 26.68 -12.83 17.44
C THR A 98 26.17 -12.41 18.82
N ALA A 99 26.75 -11.34 19.35
CA ALA A 99 26.40 -10.82 20.67
C ALA A 99 24.97 -10.34 20.86
N HIS A 100 24.27 -9.99 19.77
CA HIS A 100 22.89 -9.47 19.84
C HIS A 100 21.95 -10.45 20.55
N PRO A 101 21.15 -9.96 21.51
CA PRO A 101 20.19 -10.78 22.26
C PRO A 101 19.20 -11.57 21.41
N LYS A 102 18.94 -11.18 20.17
CA LYS A 102 18.03 -11.94 19.29
C LYS A 102 18.80 -12.77 18.25
N GLY A 103 20.13 -12.68 18.29
CA GLY A 103 20.96 -13.41 17.36
C GLY A 103 20.93 -12.88 15.95
N ARG A 104 20.35 -11.68 15.78
CA ARG A 104 20.30 -11.00 14.50
C ARG A 104 19.90 -9.54 14.62
N TRP A 105 20.28 -8.76 13.61
CA TRP A 105 20.10 -7.32 13.61
C TRP A 105 19.05 -6.87 12.60
N LEU A 106 17.92 -6.43 13.12
CA LEU A 106 16.87 -5.88 12.28
C LEU A 106 17.29 -4.49 11.91
N ILE A 107 17.33 -4.17 10.63
CA ILE A 107 17.88 -2.89 10.18
C ILE A 107 17.00 -2.22 9.07
N ALA A 108 16.74 -0.94 9.23
CA ALA A 108 15.90 -0.19 8.30
C ALA A 108 16.78 0.58 7.29
N PHE A 109 16.61 0.27 6.02
CA PHE A 109 17.17 1.11 4.96
C PHE A 109 16.10 2.07 4.42
N PRO A 110 16.49 3.11 3.66
CA PRO A 110 15.51 4.04 3.17
C PRO A 110 14.33 3.38 2.47
N LEU A 111 14.58 2.39 1.63
CA LEU A 111 13.52 1.78 0.79
C LEU A 111 12.98 0.45 1.27
N GLY A 112 13.50 -0.10 2.37
CA GLY A 112 13.08 -1.38 2.85
C GLY A 112 13.85 -1.90 4.06
N THR A 113 13.42 -3.03 4.57
CA THR A 113 13.93 -3.54 5.84
C THR A 113 14.78 -4.79 5.66
N GLY A 114 15.84 -4.92 6.44
CA GLY A 114 16.68 -6.11 6.33
C GLY A 114 16.97 -6.75 7.64
N ILE A 115 17.43 -7.99 7.61
CA ILE A 115 17.92 -8.69 8.80
C ILE A 115 19.36 -9.06 8.53
N VAL A 116 20.26 -8.64 9.40
CA VAL A 116 21.66 -9.10 9.33
C VAL A 116 21.90 -10.18 10.36
N SER A 117 22.44 -11.30 9.92
CA SER A 117 22.90 -12.32 10.84
C SER A 117 24.22 -12.94 10.39
N VAL A 118 24.89 -13.64 11.31
CA VAL A 118 26.13 -14.31 10.99
C VAL A 118 26.06 -15.77 11.42
N ASP A 119 26.63 -16.62 10.60
CA ASP A 119 26.63 -18.03 10.88
C ASP A 119 27.88 -18.63 10.27
N GLU A 120 28.79 -19.12 11.14
CA GLU A 120 30.02 -19.79 10.71
C GLU A 120 31.00 -18.82 10.02
N GLY A 121 31.00 -17.56 10.44
CA GLY A 121 31.85 -16.57 9.78
C GLY A 121 31.30 -16.09 8.44
N ILE A 122 30.11 -16.57 8.03
CA ILE A 122 29.39 -16.01 6.86
C ILE A 122 28.30 -14.99 7.30
N LEU A 123 28.46 -13.76 6.84
CA LEU A 123 27.45 -12.73 7.08
C LEU A 123 26.32 -12.84 6.05
N THR A 124 25.08 -12.82 6.52
CA THR A 124 23.90 -12.77 5.67
C THR A 124 23.05 -11.56 5.93
N LEU A 125 22.70 -10.87 4.87
CA LEU A 125 21.73 -9.79 4.91
C LEU A 125 20.55 -10.23 4.07
N GLU A 126 19.41 -10.46 4.71
CA GLU A 126 18.18 -10.78 4.02
C GLU A 126 17.31 -9.56 3.93
N ILE A 127 16.58 -9.40 2.84
CA ILE A 127 15.74 -8.19 2.63
C ILE A 127 14.32 -8.56 2.41
N SER A 128 13.42 -7.68 2.82
CA SER A 128 11.98 -7.90 2.73
C SER A 128 11.43 -7.60 1.33
N ARG A 129 12.11 -6.71 0.60
CA ARG A 129 11.79 -6.45 -0.80
C ARG A 129 13.10 -6.12 -1.55
N SER A 130 13.10 -6.26 -2.88
CA SER A 130 14.28 -5.90 -3.69
C SER A 130 14.50 -4.43 -3.55
N LEU A 131 15.75 -4.05 -3.40
CA LEU A 131 16.10 -2.66 -3.25
C LEU A 131 16.93 -2.26 -4.46
N PRO A 132 16.42 -1.33 -5.27
CA PRO A 132 17.20 -0.76 -6.38
C PRO A 132 18.48 -0.03 -5.91
N GLU A 133 18.39 0.60 -4.74
CA GLU A 133 19.56 1.07 -4.02
C GLU A 133 19.40 0.82 -2.52
N VAL A 134 20.46 0.34 -1.88
CA VAL A 134 20.39 0.01 -0.46
C VAL A 134 20.48 1.25 0.42
N GLY A 135 21.47 2.11 0.16
CA GLY A 135 21.73 3.28 0.97
C GLY A 135 22.36 2.94 2.30
N SER A 136 22.01 3.71 3.33
CA SER A 136 22.55 3.53 4.64
C SER A 136 21.47 3.24 5.70
N GLY A 137 21.86 2.52 6.74
CA GLY A 137 21.02 2.32 7.88
C GLY A 137 21.82 1.84 9.07
N SER A 138 21.18 1.83 10.23
CA SER A 138 21.79 1.38 11.43
C SER A 138 20.83 0.60 12.29
N SER A 139 21.38 -0.25 13.16
CA SER A 139 20.62 -1.06 14.06
C SER A 139 21.41 -1.17 15.32
N PHE A 140 20.77 -0.94 16.45
CA PHE A 140 21.47 -1.01 17.72
C PHE A 140 20.66 -1.73 18.80
N TYR A 141 21.33 -2.08 19.88
CA TYR A 141 20.65 -2.45 21.10
C TYR A 141 21.36 -1.90 22.33
N LEU A 142 20.58 -1.70 23.39
CA LEU A 142 21.10 -1.29 24.70
C LEU A 142 20.97 -2.42 25.72
N THR A 143 21.99 -2.61 26.54
CA THR A 143 21.99 -3.69 27.52
C THR A 143 22.61 -3.30 28.86
N GLU A 144 22.22 -4.00 29.91
CA GLU A 144 22.72 -3.73 31.26
C GLU A 144 23.54 -4.89 31.79
N LYS B 39 31.80 18.84 23.33
CA LYS B 39 30.59 18.52 22.49
C LYS B 39 29.55 17.72 23.28
N THR B 40 29.75 16.41 23.52
CA THR B 40 28.76 15.64 24.32
C THR B 40 28.68 16.18 25.73
N SER B 41 27.61 16.93 26.02
CA SER B 41 27.39 17.48 27.36
C SER B 41 26.31 16.71 28.20
N LEU B 42 25.92 15.52 27.73
CA LEU B 42 24.90 14.71 28.44
C LEU B 42 24.64 13.33 27.81
N ASP B 43 24.47 12.33 28.68
CA ASP B 43 24.07 10.98 28.30
C ASP B 43 23.34 10.29 29.44
N ILE B 44 22.01 10.32 29.39
CA ILE B 44 21.22 9.51 30.29
C ILE B 44 20.89 8.21 29.56
N ALA B 45 20.79 7.12 30.32
CA ALA B 45 20.24 5.86 29.82
C ALA B 45 19.38 5.24 30.90
N GLU B 46 18.21 4.73 30.52
CA GLU B 46 17.42 3.94 31.48
C GLU B 46 16.52 2.89 30.85
N GLU B 47 16.23 1.86 31.63
CA GLU B 47 15.25 0.86 31.23
C GLU B 47 13.89 1.12 31.90
N LEU B 48 12.84 1.09 31.10
CA LEU B 48 11.50 1.32 31.56
C LEU B 48 10.70 0.08 31.27
N GLN B 49 9.70 -0.18 32.10
CA GLN B 49 8.93 -1.40 32.00
C GLN B 49 7.49 -1.10 32.30
N ASN B 50 6.56 -1.69 31.56
CA ASN B 50 5.18 -1.47 31.90
C ASN B 50 4.65 -2.62 32.69
N ASP B 51 3.48 -2.43 33.29
CA ASP B 51 2.76 -3.45 34.08
C ASP B 51 2.61 -4.89 33.48
N LYS B 52 2.84 -5.05 32.17
CA LYS B 52 2.71 -6.33 31.45
C LYS B 52 4.08 -6.90 31.02
N GLY B 53 5.15 -6.36 31.62
CA GLY B 53 6.54 -6.79 31.33
C GLY B 53 7.05 -6.57 29.91
N VAL B 54 6.89 -5.35 29.41
CA VAL B 54 7.43 -4.96 28.13
C VAL B 54 8.48 -3.93 28.44
N SER B 55 9.70 -4.22 28.03
CA SER B 55 10.84 -3.41 28.41
C SER B 55 11.32 -2.55 27.25
N PHE B 56 11.55 -1.29 27.54
CA PHE B 56 12.22 -0.39 26.64
C PHE B 56 13.46 0.17 27.30
N ALA B 57 14.56 0.24 26.56
CA ALA B 57 15.71 0.99 27.00
C ALA B 57 15.74 2.30 26.22
N PHE B 58 15.96 3.41 26.91
CA PHE B 58 16.11 4.70 26.28
C PHE B 58 17.48 5.29 26.55
N GLN B 59 18.05 5.95 25.55
CA GLN B 59 19.21 6.79 25.77
C GLN B 59 18.93 8.19 25.25
N ALA B 60 19.16 9.18 26.11
CA ALA B 60 19.05 10.58 25.75
C ALA B 60 20.43 11.17 25.63
N ARG B 61 20.69 11.91 24.56
CA ARG B 61 21.99 12.49 24.36
C ARG B 61 21.86 13.95 23.94
N GLU B 62 22.72 14.78 24.50
CA GLU B 62 22.85 16.16 24.11
C GLU B 62 24.27 16.44 23.61
N GLU B 63 24.38 17.19 22.52
CA GLU B 63 25.67 17.50 21.91
C GLU B 63 25.71 18.96 21.52
N GLU B 64 26.85 19.60 21.73
CA GLU B 64 27.01 20.98 21.33
C GLU B 64 27.90 21.10 20.11
N LEU B 65 27.42 21.87 19.12
CA LEU B 65 28.09 22.01 17.85
C LEU B 65 28.19 23.50 17.52
N GLY B 66 29.12 24.18 18.19
CA GLY B 66 29.24 25.62 18.03
C GLY B 66 27.93 26.27 18.40
N ALA B 67 27.31 26.95 17.43
CA ALA B 67 26.05 27.69 17.64
C ALA B 67 24.82 26.79 17.94
N PHE B 68 24.94 25.51 17.59
CA PHE B 68 23.81 24.57 17.62
C PHE B 68 23.89 23.54 18.72
N THR B 69 22.73 23.11 19.17
CA THR B 69 22.61 21.94 20.03
C THR B 69 21.84 20.83 19.31
N LYS B 70 22.23 19.59 19.54
CA LYS B 70 21.48 18.45 19.06
C LYS B 70 21.06 17.58 20.21
N ARG B 71 19.79 17.23 20.22
CA ARG B 71 19.27 16.31 21.24
C ARG B 71 18.70 15.10 20.55
N THR B 72 19.19 13.92 20.94
CA THR B 72 18.80 12.68 20.34
C THR B 72 18.21 11.72 21.35
N LEU B 73 17.07 11.15 21.01
CA LEU B 73 16.52 10.05 21.75
C LEU B 73 16.76 8.75 21.00
N PHE B 74 17.31 7.76 21.71
CA PHE B 74 17.51 6.42 21.17
C PHE B 74 16.60 5.47 21.94
N ALA B 75 15.91 4.57 21.22
CA ALA B 75 15.00 3.63 21.85
C ALA B 75 15.20 2.23 21.33
N TYR B 76 15.22 1.28 22.23
CA TYR B 76 15.32 -0.12 21.86
C TYR B 76 14.34 -0.97 22.67
N SER B 77 13.67 -1.89 21.98
CA SER B 77 12.93 -2.96 22.65
C SER B 77 12.97 -4.23 21.84
N GLY B 78 13.23 -5.33 22.52
CA GLY B 78 13.12 -6.66 21.92
C GLY B 78 11.69 -7.20 21.88
N ASP B 79 10.81 -6.58 22.63
CA ASP B 79 9.44 -7.02 22.73
C ASP B 79 8.55 -6.52 21.58
N GLY B 80 7.39 -7.15 21.46
CA GLY B 80 6.39 -6.69 20.52
C GLY B 80 5.43 -5.76 21.25
N LEU B 81 4.62 -5.05 20.49
CA LEU B 81 3.80 -4.04 21.09
C LEU B 81 2.53 -3.92 20.30
N THR B 82 1.40 -3.95 20.99
CA THR B 82 0.12 -3.78 20.30
C THR B 82 -0.57 -2.45 20.57
N GLY B 83 -0.69 -2.08 21.84
CA GLY B 83 -1.22 -0.78 22.20
C GLY B 83 -0.09 0.17 22.59
N PRO B 84 -0.41 1.33 23.18
CA PRO B 84 0.60 2.25 23.68
C PRO B 84 1.45 1.63 24.80
N PHE B 85 2.67 2.12 24.94
CA PHE B 85 3.53 1.77 26.06
C PHE B 85 3.52 2.95 27.05
N LYS B 86 3.13 2.70 28.29
CA LYS B 86 3.19 3.71 29.36
C LYS B 86 4.08 3.22 30.50
N ALA B 87 5.02 4.03 30.91
CA ALA B 87 5.82 3.69 32.08
C ALA B 87 6.31 4.97 32.76
N PRO B 88 6.58 4.90 34.09
CA PRO B 88 7.08 6.12 34.75
C PRO B 88 8.54 6.34 34.43
N ALA B 89 8.92 7.59 34.16
CA ALA B 89 10.31 7.95 33.83
C ALA B 89 11.00 8.70 35.00
N SER B 90 12.34 8.67 35.01
CA SER B 90 13.09 9.50 35.93
C SER B 90 12.85 10.96 35.60
N ALA B 91 13.21 11.85 36.52
CA ALA B 91 12.96 13.30 36.32
C ALA B 91 13.88 13.88 35.25
N GLU B 92 15.07 13.30 35.12
CA GLU B 92 16.04 13.75 34.12
C GLU B 92 15.50 13.48 32.71
N LEU B 93 15.01 12.26 32.49
CA LEU B 93 14.43 11.87 31.21
C LEU B 93 13.18 12.68 30.87
N SER B 94 12.28 12.83 31.84
CA SER B 94 11.09 13.64 31.65
C SER B 94 11.45 15.05 31.26
N SER B 95 12.53 15.54 31.84
CA SER B 95 13.01 16.87 31.60
C SER B 95 13.49 17.02 30.16
N PHE B 96 14.31 16.06 29.74
CA PHE B 96 14.87 15.97 28.38
C PHE B 96 13.74 15.88 27.36
N LEU B 97 12.82 14.95 27.57
CA LEU B 97 11.75 14.71 26.61
C LEU B 97 10.83 15.91 26.40
N THR B 98 10.70 16.74 27.44
CA THR B 98 9.80 17.90 27.39
C THR B 98 10.43 19.00 26.57
N ALA B 99 11.76 18.96 26.47
CA ALA B 99 12.50 20.01 25.80
C ALA B 99 12.21 20.16 24.29
N HIS B 100 11.74 19.10 23.65
CA HIS B 100 11.45 19.12 22.20
C HIS B 100 10.49 20.24 21.79
N PRO B 101 10.82 21.00 20.74
CA PRO B 101 9.99 22.07 20.20
C PRO B 101 8.55 21.71 19.84
N LYS B 102 8.27 20.44 19.60
CA LYS B 102 6.91 20.01 19.30
C LYS B 102 6.25 19.35 20.50
N GLY B 103 7.03 19.18 21.57
CA GLY B 103 6.57 18.54 22.80
C GLY B 103 6.37 17.05 22.67
N ARG B 104 6.98 16.46 21.65
CA ARG B 104 6.97 15.02 21.43
C ARG B 104 7.94 14.57 20.34
N TRP B 105 8.32 13.31 20.41
CA TRP B 105 9.39 12.77 19.58
C TRP B 105 8.85 11.77 18.55
N LEU B 106 8.74 12.22 17.30
CA LEU B 106 8.38 11.33 16.19
C LEU B 106 9.56 10.41 15.89
N ILE B 107 9.35 9.11 15.93
CA ILE B 107 10.47 8.15 15.89
C ILE B 107 10.16 6.94 14.96
N ALA B 108 11.08 6.66 14.05
CA ALA B 108 10.90 5.59 13.05
C ALA B 108 11.52 4.29 13.50
N PHE B 109 10.71 3.25 13.64
CA PHE B 109 11.23 1.93 13.91
C PHE B 109 11.27 1.10 12.60
N PRO B 110 12.02 -0.02 12.58
CA PRO B 110 12.06 -0.76 11.32
C PRO B 110 10.70 -1.09 10.72
N LEU B 111 9.70 -1.43 11.55
CA LEU B 111 8.37 -1.89 11.07
C LEU B 111 7.25 -0.89 11.20
N GLY B 112 7.53 0.28 11.75
CA GLY B 112 6.48 1.26 11.97
C GLY B 112 6.93 2.51 12.67
N THR B 113 6.03 3.45 12.79
CA THR B 113 6.32 4.74 13.37
C THR B 113 5.68 4.95 14.74
N GLY B 114 6.40 5.57 15.66
CA GLY B 114 5.84 5.95 16.94
C GLY B 114 6.05 7.41 17.34
N ILE B 115 5.28 7.85 18.33
CA ILE B 115 5.42 9.16 18.94
C ILE B 115 5.76 8.96 20.42
N VAL B 116 6.86 9.51 20.89
CA VAL B 116 7.17 9.46 22.31
C VAL B 116 6.86 10.82 22.92
N SER B 117 6.14 10.82 24.03
CA SER B 117 5.87 12.05 24.78
C SER B 117 5.90 11.74 26.26
N VAL B 118 6.05 12.78 27.06
CA VAL B 118 6.01 12.63 28.50
C VAL B 118 4.96 13.53 29.11
N ASP B 119 4.27 13.05 30.12
CA ASP B 119 3.27 13.85 30.81
C ASP B 119 3.22 13.42 32.27
N GLU B 120 3.56 14.36 33.17
CA GLU B 120 3.50 14.14 34.60
C GLU B 120 4.48 13.04 35.06
N GLY B 121 5.62 12.93 34.42
CA GLY B 121 6.56 11.87 34.72
C GLY B 121 6.15 10.50 34.19
N ILE B 122 5.07 10.44 33.41
CA ILE B 122 4.70 9.21 32.68
C ILE B 122 5.13 9.29 31.20
N LEU B 123 5.99 8.37 30.77
CA LEU B 123 6.36 8.28 29.37
C LEU B 123 5.33 7.46 28.58
N THR B 124 4.90 8.02 27.45
CA THR B 124 4.02 7.33 26.54
C THR B 124 4.66 7.18 25.16
N LEU B 125 4.64 5.95 24.65
CA LEU B 125 4.98 5.66 23.26
C LEU B 125 3.75 5.16 22.58
N GLU B 126 3.19 5.98 21.69
CA GLU B 126 2.09 5.58 20.80
C GLU B 126 2.61 5.08 19.46
N ILE B 127 1.96 4.05 18.92
CA ILE B 127 2.37 3.44 17.62
C ILE B 127 1.27 3.54 16.57
N SER B 128 1.67 3.68 15.32
CA SER B 128 0.74 3.80 14.20
C SER B 128 0.16 2.41 13.77
N ARG B 129 0.92 1.34 14.01
CA ARG B 129 0.46 -0.01 13.77
C ARG B 129 1.05 -0.93 14.85
N SER B 130 0.45 -2.11 15.06
CA SER B 130 1.01 -3.06 16.05
C SER B 130 2.34 -3.52 15.52
N LEU B 131 3.28 -3.72 16.43
CA LEU B 131 4.62 -4.11 16.02
C LEU B 131 4.92 -5.42 16.66
N PRO B 132 5.11 -6.49 15.85
CA PRO B 132 5.53 -7.80 16.37
C PRO B 132 6.93 -7.76 17.01
N GLU B 133 7.79 -6.90 16.49
CA GLU B 133 9.01 -6.53 17.18
C GLU B 133 9.27 -5.05 16.98
N VAL B 134 9.72 -4.39 18.05
CA VAL B 134 9.98 -2.97 17.99
C VAL B 134 11.34 -2.66 17.33
N GLY B 135 12.39 -3.28 17.84
CA GLY B 135 13.72 -3.01 17.38
C GLY B 135 14.25 -1.66 17.89
N SER B 136 15.09 -1.02 17.11
CA SER B 136 15.71 0.23 17.51
C SER B 136 15.37 1.39 16.56
N GLY B 137 15.35 2.58 17.10
CA GLY B 137 15.25 3.76 16.31
C GLY B 137 15.73 4.95 17.10
N SER B 138 15.82 6.08 16.43
CA SER B 138 16.19 7.29 17.08
C SER B 138 15.44 8.44 16.48
N SER B 139 15.33 9.50 17.28
CA SER B 139 14.69 10.73 16.90
C SER B 139 15.55 11.87 17.47
N PHE B 140 15.78 12.93 16.69
CA PHE B 140 16.55 14.05 17.16
C PHE B 140 15.99 15.38 16.64
N TYR B 141 16.44 16.45 17.26
CA TYR B 141 16.27 17.77 16.69
C TYR B 141 17.51 18.62 16.91
N LEU B 142 17.65 19.62 16.06
CA LEU B 142 18.76 20.56 16.14
C LEU B 142 18.19 21.94 16.41
N THR B 143 18.86 22.70 17.26
CA THR B 143 18.38 24.01 17.66
C THR B 143 19.52 25.04 17.84
N GLU B 144 19.18 26.31 17.66
CA GLU B 144 20.12 27.42 17.85
C GLU B 144 19.76 28.28 19.05
N LYS C 39 39.56 11.37 15.87
CA LYS C 39 38.33 10.55 15.62
C LYS C 39 37.32 11.31 14.72
N THR C 40 36.45 12.12 15.35
CA THR C 40 35.68 13.15 14.64
C THR C 40 36.62 14.25 14.16
N SER C 41 36.76 14.38 12.84
CA SER C 41 37.57 15.45 12.28
C SER C 41 36.73 16.58 11.64
N LEU C 42 35.45 16.68 11.99
CA LEU C 42 34.57 17.72 11.42
C LEU C 42 33.13 17.66 11.93
N ASP C 43 32.57 18.84 12.21
CA ASP C 43 31.16 19.00 12.53
C ASP C 43 30.62 20.37 12.12
N ILE C 44 30.02 20.46 10.94
CA ILE C 44 29.29 21.66 10.56
C ILE C 44 27.83 21.52 10.97
N ALA C 45 27.20 22.62 11.35
CA ALA C 45 25.77 22.64 11.55
C ALA C 45 25.21 23.94 10.97
N GLU C 46 24.08 23.89 10.29
CA GLU C 46 23.40 25.12 9.91
C GLU C 46 21.91 25.02 9.68
N GLU C 47 21.23 26.14 9.80
CA GLU C 47 19.82 26.22 9.52
C GLU C 47 19.61 26.85 8.17
N LEU C 48 18.79 26.22 7.36
CA LEU C 48 18.47 26.71 6.04
C LEU C 48 16.98 26.98 6.00
N GLN C 49 16.57 27.93 5.18
CA GLN C 49 15.18 28.36 5.17
C GLN C 49 14.74 28.71 3.77
N ASN C 50 13.52 28.36 3.44
CA ASN C 50 12.99 28.69 2.13
C ASN C 50 12.06 29.89 2.18
N ASP C 51 11.53 30.24 1.01
CA ASP C 51 10.57 31.35 0.83
C ASP C 51 9.34 31.26 1.75
N LYS C 52 8.78 30.04 1.89
CA LYS C 52 7.55 29.75 2.66
C LYS C 52 7.76 29.59 4.17
N GLY C 53 8.98 29.77 4.65
CA GLY C 53 9.24 29.70 6.08
C GLY C 53 9.59 28.33 6.61
N VAL C 54 9.57 27.30 5.78
CA VAL C 54 10.04 25.98 6.18
C VAL C 54 11.52 26.09 6.52
N SER C 55 11.89 25.56 7.68
CA SER C 55 13.25 25.58 8.14
C SER C 55 13.78 24.18 8.28
N PHE C 56 15.00 23.98 7.77
CA PHE C 56 15.73 22.74 8.02
C PHE C 56 17.00 23.01 8.78
N ALA C 57 17.31 22.18 9.75
CA ALA C 57 18.62 22.19 10.32
C ALA C 57 19.39 21.01 9.75
N PHE C 58 20.63 21.23 9.33
CA PHE C 58 21.50 20.15 8.89
C PHE C 58 22.73 20.07 9.75
N GLN C 59 23.20 18.87 10.02
CA GLN C 59 24.51 18.67 10.61
C GLN C 59 25.31 17.69 9.75
N ALA C 60 26.50 18.10 9.33
CA ALA C 60 27.41 17.28 8.56
C ALA C 60 28.55 16.82 9.47
N ARG C 61 28.89 15.55 9.43
CA ARG C 61 29.90 15.05 10.33
C ARG C 61 30.86 14.16 9.55
N GLU C 62 32.15 14.28 9.85
CA GLU C 62 33.14 13.37 9.30
C GLU C 62 33.90 12.67 10.42
N GLU C 63 34.15 11.39 10.26
CA GLU C 63 34.78 10.55 11.29
C GLU C 63 35.82 9.66 10.65
N GLU C 64 36.96 9.51 11.30
CA GLU C 64 38.00 8.64 10.76
C GLU C 64 38.10 7.38 11.59
N LEU C 65 38.13 6.24 10.90
CA LEU C 65 38.09 4.91 11.55
C LEU C 65 39.20 4.04 10.97
N GLY C 66 40.45 4.34 11.35
CA GLY C 66 41.58 3.65 10.73
C GLY C 66 41.61 3.87 9.23
N ALA C 67 41.45 2.80 8.45
CA ALA C 67 41.50 2.86 6.98
C ALA C 67 40.29 3.60 6.33
N PHE C 68 39.21 3.74 7.09
CA PHE C 68 37.94 4.23 6.58
C PHE C 68 37.55 5.61 7.09
N THR C 69 36.81 6.33 6.25
CA THR C 69 36.13 7.57 6.63
C THR C 69 34.62 7.36 6.55
N LYS C 70 33.89 8.00 7.45
CA LYS C 70 32.46 8.00 7.45
C LYS C 70 31.97 9.42 7.37
N ARG C 71 31.07 9.69 6.45
CA ARG C 71 30.47 11.00 6.36
C ARG C 71 28.99 10.89 6.52
N THR C 72 28.45 11.59 7.51
CA THR C 72 27.03 11.55 7.85
C THR C 72 26.39 12.90 7.70
N LEU C 73 25.29 12.95 6.97
CA LEU C 73 24.38 14.08 7.00
C LEU C 73 23.19 13.79 7.94
N PHE C 74 22.91 14.73 8.84
CA PHE C 74 21.75 14.68 9.72
C PHE C 74 20.80 15.79 9.35
N ALA C 75 19.52 15.51 9.26
CA ALA C 75 18.54 16.53 8.89
C ALA C 75 17.36 16.54 9.86
N TYR C 76 16.93 17.73 10.23
CA TYR C 76 15.72 17.91 11.02
C TYR C 76 14.85 19.06 10.51
N SER C 77 13.55 18.84 10.42
CA SER C 77 12.60 19.91 10.27
C SER C 77 11.30 19.61 11.03
N GLY C 78 10.80 20.62 11.74
CA GLY C 78 9.51 20.54 12.36
C GLY C 78 8.37 20.82 11.39
N ASP C 79 8.69 21.38 10.23
CA ASP C 79 7.65 21.78 9.27
C ASP C 79 7.20 20.62 8.39
N GLY C 80 6.09 20.83 7.68
CA GLY C 80 5.61 19.89 6.67
C GLY C 80 6.15 20.32 5.34
N LEU C 81 6.05 19.46 4.33
CA LEU C 81 6.65 19.74 3.05
C LEU C 81 5.85 19.09 1.95
N THR C 82 5.44 19.85 0.97
CA THR C 82 4.73 19.29 -0.17
C THR C 82 5.57 19.15 -1.44
N GLY C 83 6.28 20.21 -1.83
CA GLY C 83 7.19 20.13 -2.97
C GLY C 83 8.63 19.99 -2.51
N PRO C 84 9.59 20.20 -3.43
CA PRO C 84 11.00 20.21 -3.05
C PRO C 84 11.36 21.40 -2.14
N PHE C 85 12.39 21.22 -1.32
CA PHE C 85 12.91 22.28 -0.51
C PHE C 85 14.19 22.78 -1.15
N LYS C 86 14.24 24.05 -1.52
CA LYS C 86 15.45 24.69 -2.08
C LYS C 86 15.90 25.84 -1.21
N ALA C 87 17.19 25.88 -0.88
CA ALA C 87 17.75 26.93 -0.03
C ALA C 87 19.22 27.06 -0.29
N PRO C 88 19.77 28.29 -0.18
CA PRO C 88 21.20 28.41 -0.37
C PRO C 88 22.00 27.86 0.83
N ALA C 89 23.09 27.17 0.55
CA ALA C 89 23.95 26.60 1.59
C ALA C 89 25.29 27.33 1.67
N SER C 90 25.94 27.22 2.82
CA SER C 90 27.30 27.74 2.99
C SER C 90 28.23 26.95 2.06
N ALA C 91 29.44 27.46 1.85
CA ALA C 91 30.37 26.77 0.97
C ALA C 91 30.90 25.48 1.58
N GLU C 92 30.97 25.43 2.93
CA GLU C 92 31.48 24.24 3.64
C GLU C 92 30.50 23.09 3.48
N LEU C 93 29.21 23.38 3.62
CA LEU C 93 28.19 22.38 3.44
C LEU C 93 28.12 21.89 1.98
N SER C 94 28.09 22.81 1.02
CA SER C 94 28.04 22.45 -0.40
C SER C 94 29.18 21.53 -0.73
N SER C 95 30.32 21.79 -0.08
CA SER C 95 31.55 21.05 -0.31
C SER C 95 31.39 19.63 0.22
N PHE C 96 30.92 19.52 1.45
CA PHE C 96 30.63 18.25 2.08
C PHE C 96 29.63 17.40 1.26
N LEU C 97 28.53 18.02 0.83
CA LEU C 97 27.46 17.36 0.10
C LEU C 97 27.84 16.85 -1.27
N THR C 98 28.80 17.54 -1.89
CA THR C 98 29.32 17.18 -3.20
C THR C 98 30.24 15.95 -3.14
N ALA C 99 30.87 15.74 -2.00
CA ALA C 99 31.78 14.60 -1.81
C ALA C 99 31.16 13.20 -1.94
N HIS C 100 29.87 13.06 -1.77
CA HIS C 100 29.20 11.74 -1.86
C HIS C 100 29.43 11.02 -3.21
N PRO C 101 29.87 9.75 -3.18
CA PRO C 101 30.10 8.92 -4.38
C PRO C 101 28.97 8.87 -5.40
N LYS C 102 27.74 9.18 -5.01
CA LYS C 102 26.63 9.20 -5.96
C LYS C 102 26.21 10.61 -6.33
N GLY C 103 26.86 11.60 -5.72
CA GLY C 103 26.52 12.99 -5.97
C GLY C 103 25.23 13.45 -5.31
N ARG C 104 24.70 12.61 -4.40
CA ARG C 104 23.46 12.90 -3.66
C ARG C 104 23.24 11.93 -2.51
N TRP C 105 22.40 12.36 -1.57
CA TRP C 105 22.23 11.70 -0.30
C TRP C 105 20.81 11.20 -0.16
N LEU C 106 20.63 9.90 -0.36
CA LEU C 106 19.36 9.25 -0.11
C LEU C 106 19.11 9.21 1.42
N ILE C 107 17.99 9.77 1.85
CA ILE C 107 17.74 9.91 3.29
C ILE C 107 16.32 9.53 3.70
N ALA C 108 16.22 8.70 4.75
CA ALA C 108 14.93 8.19 5.23
C ALA C 108 14.37 9.02 6.40
N PHE C 109 13.18 9.55 6.22
CA PHE C 109 12.48 10.22 7.29
C PHE C 109 11.35 9.30 7.78
N PRO C 110 10.78 9.61 8.97
CA PRO C 110 9.76 8.72 9.49
C PRO C 110 8.59 8.39 8.52
N LEU C 111 8.15 9.40 7.76
CA LEU C 111 6.97 9.28 6.88
C LEU C 111 7.27 9.19 5.38
N GLY C 112 8.54 9.28 5.00
CA GLY C 112 8.90 9.07 3.62
C GLY C 112 10.34 9.31 3.33
N THR C 113 10.72 9.15 2.07
CA THR C 113 12.10 9.18 1.64
C THR C 113 12.45 10.43 0.83
N GLY C 114 13.64 10.97 1.07
CA GLY C 114 14.15 12.11 0.31
C GLY C 114 15.51 11.92 -0.34
N ILE C 115 15.84 12.81 -1.25
CA ILE C 115 17.19 12.86 -1.84
C ILE C 115 17.67 14.26 -1.63
N VAL C 116 18.84 14.38 -1.01
CA VAL C 116 19.51 15.68 -0.85
C VAL C 116 20.63 15.78 -1.85
N SER C 117 20.65 16.87 -2.60
CA SER C 117 21.76 17.17 -3.49
C SER C 117 22.08 18.66 -3.45
N VAL C 118 23.25 19.02 -3.92
CA VAL C 118 23.63 20.43 -3.98
C VAL C 118 24.09 20.77 -5.39
N ASP C 119 23.74 21.96 -5.83
CA ASP C 119 24.11 22.41 -7.15
C ASP C 119 24.26 23.93 -7.14
N GLU C 120 25.50 24.39 -7.33
CA GLU C 120 25.77 25.82 -7.44
C GLU C 120 25.51 26.51 -6.12
N GLY C 121 25.81 25.84 -5.01
CA GLY C 121 25.51 26.36 -3.69
C GLY C 121 24.02 26.39 -3.31
N ILE C 122 23.16 25.81 -4.15
CA ILE C 122 21.75 25.64 -3.82
C ILE C 122 21.48 24.20 -3.37
N LEU C 123 21.05 24.04 -2.11
CA LEU C 123 20.67 22.75 -1.59
C LEU C 123 19.24 22.38 -1.97
N THR C 124 19.07 21.21 -2.54
CA THR C 124 17.74 20.69 -2.89
C THR C 124 17.43 19.40 -2.12
N LEU C 125 16.27 19.39 -1.46
CA LEU C 125 15.73 18.18 -0.92
C LEU C 125 14.45 17.80 -1.68
N GLU C 126 14.53 16.73 -2.47
CA GLU C 126 13.37 16.17 -3.15
C GLU C 126 12.72 15.04 -2.36
N ILE C 127 11.40 14.96 -2.41
CA ILE C 127 10.67 13.98 -1.61
C ILE C 127 9.80 13.10 -2.45
N SER C 128 9.64 11.86 -2.03
CA SER C 128 8.86 10.88 -2.77
C SER C 128 7.36 11.11 -2.61
N ARG C 129 6.96 11.62 -1.45
CA ARG C 129 5.55 11.91 -1.14
C ARG C 129 5.52 13.17 -0.30
N SER C 130 4.38 13.85 -0.25
CA SER C 130 4.25 15.02 0.62
C SER C 130 4.35 14.56 2.03
N LEU C 131 4.99 15.35 2.87
CA LEU C 131 5.18 14.98 4.25
C LEU C 131 4.53 16.02 5.17
N PRO C 132 3.46 15.64 5.88
CA PRO C 132 2.82 16.56 6.86
C PRO C 132 3.78 17.02 7.98
N GLU C 133 4.70 16.13 8.35
CA GLU C 133 5.84 16.52 9.16
C GLU C 133 7.08 15.78 8.63
N VAL C 134 8.22 16.47 8.58
CA VAL C 134 9.45 15.85 8.11
C VAL C 134 10.12 15.01 9.20
N GLY C 135 10.35 15.62 10.36
CA GLY C 135 11.04 14.93 11.44
C GLY C 135 12.54 14.89 11.23
N SER C 136 13.17 13.87 11.75
CA SER C 136 14.59 13.71 11.63
C SER C 136 15.01 12.47 10.82
N GLY C 137 16.14 12.57 10.16
CA GLY C 137 16.77 11.41 9.56
C GLY C 137 18.25 11.64 9.29
N SER C 138 18.93 10.59 8.90
CA SER C 138 20.32 10.69 8.57
C SER C 138 20.64 9.80 7.39
N SER C 139 21.79 10.06 6.77
CA SER C 139 22.27 9.39 5.56
C SER C 139 23.75 9.43 5.68
N PHE C 140 24.39 8.32 5.47
CA PHE C 140 25.82 8.32 5.55
C PHE C 140 26.40 7.43 4.45
N TYR C 141 27.70 7.57 4.22
CA TYR C 141 28.48 6.59 3.49
C TYR C 141 29.85 6.32 4.13
N LEU C 142 30.38 5.13 3.89
CA LEU C 142 31.72 4.74 4.32
C LEU C 142 32.66 4.58 3.11
N THR C 143 33.88 5.08 3.23
CA THR C 143 34.84 5.05 2.12
C THR C 143 36.29 4.74 2.60
N GLU C 144 37.09 4.18 1.68
CA GLU C 144 38.46 3.81 1.98
C GLU C 144 39.40 4.71 1.19
N THR D 40 4.37 -41.15 0.27
CA THR D 40 4.44 -40.57 1.65
C THR D 40 5.26 -41.45 2.58
N SER D 41 6.45 -41.00 2.92
CA SER D 41 7.27 -41.77 3.87
C SER D 41 7.30 -41.18 5.30
N LEU D 42 6.38 -40.26 5.63
CA LEU D 42 6.34 -39.60 6.97
C LEU D 42 5.18 -38.62 7.12
N ASP D 43 4.63 -38.59 8.35
CA ASP D 43 3.57 -37.66 8.74
C ASP D 43 3.56 -37.53 10.24
N ILE D 44 4.27 -36.51 10.76
CA ILE D 44 4.13 -36.10 12.15
C ILE D 44 3.04 -35.03 12.26
N ALA D 45 2.30 -35.04 13.37
CA ALA D 45 1.41 -33.93 13.68
C ALA D 45 1.55 -33.64 15.14
N GLU D 46 1.56 -32.37 15.53
CA GLU D 46 1.44 -32.02 16.95
C GLU D 46 0.89 -30.64 17.23
N GLU D 47 0.33 -30.52 18.44
CA GLU D 47 -0.13 -29.24 18.94
C GLU D 47 0.91 -28.66 19.88
N LEU D 48 1.21 -27.38 19.67
CA LEU D 48 2.14 -26.65 20.50
C LEU D 48 1.43 -25.48 21.14
N GLN D 49 1.87 -25.09 22.32
CA GLN D 49 1.22 -24.05 23.08
C GLN D 49 2.25 -23.20 23.84
N ASN D 50 2.10 -21.88 23.81
CA ASN D 50 2.90 -21.00 24.66
C ASN D 50 2.13 -20.71 25.98
N ASP D 51 2.71 -19.93 26.89
CA ASP D 51 2.04 -19.64 28.18
C ASP D 51 1.06 -18.47 28.16
N LYS D 52 1.08 -17.70 27.06
CA LYS D 52 0.07 -16.68 26.80
C LYS D 52 -1.25 -17.36 26.41
N GLY D 53 -1.19 -18.64 26.05
CA GLY D 53 -2.43 -19.39 25.74
C GLY D 53 -2.62 -19.81 24.28
N VAL D 54 -1.93 -19.14 23.37
CA VAL D 54 -1.91 -19.46 21.94
C VAL D 54 -1.57 -20.94 21.63
N SER D 55 -2.39 -21.60 20.81
CA SER D 55 -2.14 -22.98 20.32
C SER D 55 -1.90 -23.03 18.82
N PHE D 56 -0.91 -23.80 18.42
CA PHE D 56 -0.65 -24.05 17.00
C PHE D 56 -0.66 -25.51 16.77
N ALA D 57 -1.25 -25.95 15.68
CA ALA D 57 -1.12 -27.33 15.26
C ALA D 57 -0.19 -27.34 14.09
N PHE D 58 0.78 -28.26 14.09
CA PHE D 58 1.69 -28.43 12.96
C PHE D 58 1.58 -29.80 12.38
N GLN D 59 1.74 -29.91 11.07
CA GLN D 59 1.90 -31.19 10.42
C GLN D 59 3.11 -31.15 9.50
N ALA D 60 4.01 -32.10 9.71
CA ALA D 60 5.19 -32.27 8.87
C ALA D 60 4.96 -33.48 7.97
N ARG D 61 5.28 -33.34 6.69
CA ARG D 61 5.07 -34.41 5.77
C ARG D 61 6.26 -34.53 4.85
N GLU D 62 6.67 -35.77 4.57
CA GLU D 62 7.71 -36.06 3.61
C GLU D 62 7.17 -36.99 2.53
N GLU D 63 7.52 -36.73 1.28
CA GLU D 63 7.02 -37.48 0.12
C GLU D 63 8.18 -37.77 -0.82
N GLU D 64 8.19 -38.96 -1.40
CA GLU D 64 9.25 -39.28 -2.36
C GLU D 64 8.67 -39.32 -3.74
N LEU D 65 9.36 -38.69 -4.70
CA LEU D 65 8.84 -38.55 -6.05
C LEU D 65 9.95 -38.92 -7.03
N GLY D 66 10.24 -40.22 -7.16
CA GLY D 66 11.37 -40.67 -7.97
C GLY D 66 12.65 -40.07 -7.40
N ALA D 67 13.31 -39.21 -8.20
CA ALA D 67 14.60 -38.59 -7.83
C ALA D 67 14.52 -37.52 -6.73
N PHE D 68 13.31 -37.04 -6.46
CA PHE D 68 13.08 -35.89 -5.59
C PHE D 68 12.37 -36.25 -4.31
N THR D 69 12.69 -35.50 -3.26
CA THR D 69 11.89 -35.49 -2.02
C THR D 69 11.20 -34.15 -1.84
N LYS D 70 9.99 -34.19 -1.30
CA LYS D 70 9.30 -32.99 -0.92
C LYS D 70 9.07 -33.00 0.56
N ARG D 71 9.38 -31.90 1.23
CA ARG D 71 9.06 -31.78 2.65
C ARG D 71 8.15 -30.59 2.85
N THR D 72 6.99 -30.83 3.45
CA THR D 72 5.98 -29.79 3.68
C THR D 72 5.69 -29.58 5.15
N LEU D 73 5.69 -28.33 5.59
CA LEU D 73 5.19 -27.96 6.89
C LEU D 73 3.81 -27.34 6.73
N PHE D 74 2.84 -27.83 7.51
CA PHE D 74 1.49 -27.28 7.57
C PHE D 74 1.24 -26.65 8.93
N ALA D 75 0.65 -25.47 8.97
CA ALA D 75 0.44 -24.83 10.26
C ALA D 75 -0.95 -24.27 10.37
N TYR D 76 -1.56 -24.46 11.52
CA TYR D 76 -2.85 -23.88 11.79
C TYR D 76 -2.93 -23.30 13.20
N SER D 77 -3.51 -22.12 13.30
CA SER D 77 -3.95 -21.61 14.60
C SER D 77 -5.23 -20.79 14.44
N GLY D 78 -6.18 -21.00 15.36
CA GLY D 78 -7.37 -20.19 15.42
C GLY D 78 -7.16 -18.89 16.16
N ASP D 79 -6.06 -18.82 16.92
CA ASP D 79 -5.71 -17.65 17.71
C ASP D 79 -5.14 -16.44 16.90
N GLY D 80 -5.12 -15.27 17.54
CA GLY D 80 -4.41 -14.12 17.05
C GLY D 80 -3.00 -14.10 17.62
N LEU D 81 -2.15 -13.28 17.02
CA LEU D 81 -0.75 -13.27 17.39
C LEU D 81 -0.14 -11.88 17.19
N THR D 82 0.52 -11.36 18.20
CA THR D 82 1.12 -10.04 18.08
C THR D 82 2.61 -10.13 18.05
N GLY D 83 3.20 -10.87 18.98
CA GLY D 83 4.65 -11.12 18.97
C GLY D 83 5.01 -12.46 18.38
N PRO D 84 6.26 -12.86 18.55
CA PRO D 84 6.67 -14.22 18.16
C PRO D 84 6.00 -15.30 19.00
N PHE D 85 5.82 -16.46 18.39
CA PHE D 85 5.33 -17.61 19.08
C PHE D 85 6.51 -18.54 19.39
N LYS D 86 6.73 -18.84 20.67
CA LYS D 86 7.78 -19.79 21.09
C LYS D 86 7.17 -20.89 21.89
N ALA D 87 7.54 -22.13 21.58
CA ALA D 87 7.01 -23.33 22.27
C ALA D 87 7.97 -24.48 22.06
N PRO D 88 8.10 -25.38 23.06
CA PRO D 88 9.02 -26.52 22.87
C PRO D 88 8.43 -27.57 21.91
N ALA D 89 9.25 -28.09 21.02
CA ALA D 89 8.81 -29.12 20.07
C ALA D 89 9.35 -30.52 20.44
N SER D 90 8.65 -31.56 19.98
CA SER D 90 9.18 -32.91 20.04
C SER D 90 10.50 -33.00 19.23
N ALA D 91 11.26 -34.08 19.44
CA ALA D 91 12.57 -34.22 18.77
C ALA D 91 12.37 -34.52 17.29
N GLU D 92 11.27 -35.16 16.96
CA GLU D 92 10.99 -35.52 15.57
C GLU D 92 10.73 -34.24 14.72
N LEU D 93 9.91 -33.34 15.27
CA LEU D 93 9.61 -32.08 14.60
C LEU D 93 10.87 -31.20 14.50
N SER D 94 11.64 -31.10 15.58
CA SER D 94 12.87 -30.31 15.56
C SER D 94 13.81 -30.83 14.49
N SER D 95 13.85 -32.13 14.35
CA SER D 95 14.67 -32.77 13.38
C SER D 95 14.22 -32.41 11.97
N PHE D 96 12.91 -32.53 11.73
CA PHE D 96 12.32 -32.19 10.43
C PHE D 96 12.58 -30.73 10.04
N LEU D 97 12.31 -29.83 10.99
CA LEU D 97 12.45 -28.40 10.76
C LEU D 97 13.87 -27.91 10.49
N THR D 98 14.85 -28.64 11.01
CA THR D 98 16.27 -28.33 10.84
C THR D 98 16.76 -28.72 9.46
N ALA D 99 16.09 -29.68 8.84
CA ALA D 99 16.46 -30.19 7.53
C ALA D 99 16.36 -29.18 6.39
N HIS D 100 15.57 -28.12 6.54
CA HIS D 100 15.41 -27.14 5.45
C HIS D 100 16.77 -26.52 5.03
N PRO D 101 17.03 -26.42 3.70
CA PRO D 101 18.26 -25.81 3.13
C PRO D 101 18.56 -24.38 3.58
N LYS D 102 17.58 -23.67 4.10
CA LYS D 102 17.78 -22.30 4.55
C LYS D 102 17.78 -22.25 6.05
N GLY D 103 17.53 -23.38 6.70
CA GLY D 103 17.49 -23.43 8.17
C GLY D 103 16.24 -22.79 8.78
N ARG D 104 15.25 -22.51 7.93
CA ARG D 104 13.97 -21.91 8.34
C ARG D 104 12.93 -21.91 7.23
N TRP D 105 11.67 -21.84 7.65
CA TRP D 105 10.56 -22.07 6.76
C TRP D 105 9.73 -20.82 6.58
N LEU D 106 9.86 -20.22 5.42
CA LEU D 106 9.07 -19.05 5.07
C LEU D 106 7.65 -19.51 4.73
N ILE D 107 6.66 -18.97 5.45
CA ILE D 107 5.29 -19.46 5.35
C ILE D 107 4.25 -18.32 5.20
N ALA D 108 3.37 -18.46 4.23
CA ALA D 108 2.35 -17.42 3.98
C ALA D 108 1.01 -17.81 4.64
N PHE D 109 0.54 -16.97 5.56
CA PHE D 109 -0.80 -17.08 6.10
C PHE D 109 -1.76 -16.08 5.38
N PRO D 110 -3.07 -16.25 5.55
CA PRO D 110 -3.94 -15.40 4.76
C PRO D 110 -3.70 -13.91 4.96
N LEU D 111 -3.35 -13.49 6.18
CA LEU D 111 -3.20 -12.05 6.55
C LEU D 111 -1.76 -11.55 6.68
N GLY D 112 -0.79 -12.41 6.48
CA GLY D 112 0.60 -12.02 6.66
C GLY D 112 1.58 -13.18 6.54
N THR D 113 2.86 -12.84 6.63
CA THR D 113 3.93 -13.79 6.40
C THR D 113 4.67 -14.14 7.68
N GLY D 114 5.02 -15.39 7.85
CA GLY D 114 5.84 -15.83 9.00
C GLY D 114 7.11 -16.57 8.63
N ILE D 115 8.04 -16.67 9.57
CA ILE D 115 9.22 -17.53 9.45
C ILE D 115 9.23 -18.52 10.59
N VAL D 116 9.24 -19.80 10.27
CA VAL D 116 9.36 -20.81 11.31
C VAL D 116 10.79 -21.34 11.36
N SER D 117 11.35 -21.38 12.55
CA SER D 117 12.65 -22.00 12.73
C SER D 117 12.67 -22.71 14.07
N VAL D 118 13.66 -23.56 14.25
CA VAL D 118 13.81 -24.26 15.51
C VAL D 118 15.25 -24.12 16.01
N ASP D 119 15.37 -24.00 17.31
CA ASP D 119 16.69 -23.85 17.91
C ASP D 119 16.66 -24.46 19.29
N GLU D 120 17.46 -25.53 19.47
CA GLU D 120 17.60 -26.22 20.76
C GLU D 120 16.27 -26.85 21.20
N GLY D 121 15.50 -27.36 20.24
CA GLY D 121 14.16 -27.91 20.54
C GLY D 121 13.09 -26.87 20.86
N ILE D 122 13.42 -25.57 20.75
CA ILE D 122 12.41 -24.49 20.84
C ILE D 122 11.96 -24.03 19.44
N LEU D 123 10.68 -24.19 19.15
CA LEU D 123 10.14 -23.70 17.88
C LEU D 123 9.79 -22.23 17.96
N THR D 124 10.28 -21.45 16.99
CA THR D 124 9.91 -20.03 16.89
C THR D 124 9.16 -19.72 15.60
N LEU D 125 8.03 -19.05 15.74
CA LEU D 125 7.37 -18.47 14.59
C LEU D 125 7.38 -16.95 14.70
N GLU D 126 8.17 -16.30 13.87
CA GLU D 126 8.17 -14.84 13.79
C GLU D 126 7.25 -14.32 12.68
N ILE D 127 6.64 -13.17 12.90
CA ILE D 127 5.66 -12.67 11.97
C ILE D 127 6.04 -11.28 11.53
N SER D 128 5.66 -10.94 10.30
CA SER D 128 5.99 -9.64 9.72
C SER D 128 5.06 -8.51 10.20
N ARG D 129 3.83 -8.88 10.58
CA ARG D 129 2.84 -7.95 11.12
C ARG D 129 1.99 -8.72 12.13
N SER D 130 1.35 -8.03 13.06
CA SER D 130 0.41 -8.70 13.98
C SER D 130 -0.77 -9.26 13.23
N LEU D 131 -1.20 -10.43 13.65
CA LEU D 131 -2.25 -11.13 12.98
C LEU D 131 -3.39 -11.29 13.95
N PRO D 132 -4.54 -10.64 13.66
CA PRO D 132 -5.78 -10.86 14.45
C PRO D 132 -6.29 -12.32 14.41
N GLU D 133 -6.06 -13.00 13.29
CA GLU D 133 -6.21 -14.42 13.21
C GLU D 133 -5.14 -14.98 12.32
N VAL D 134 -4.54 -16.10 12.72
CA VAL D 134 -3.45 -16.72 11.97
C VAL D 134 -4.00 -17.50 10.77
N GLY D 135 -4.95 -18.40 11.02
CA GLY D 135 -5.47 -19.27 9.97
C GLY D 135 -4.54 -20.43 9.63
N SER D 136 -4.56 -20.81 8.36
CA SER D 136 -3.70 -21.90 7.92
C SER D 136 -2.74 -21.49 6.81
N GLY D 137 -1.61 -22.18 6.76
CA GLY D 137 -0.72 -22.09 5.63
C GLY D 137 0.27 -23.23 5.58
N SER D 138 0.99 -23.28 4.48
CA SER D 138 2.01 -24.28 4.31
C SER D 138 3.25 -23.71 3.67
N SER D 139 4.36 -24.41 3.86
CA SER D 139 5.66 -24.06 3.33
C SER D 139 6.34 -25.36 2.99
N PHE D 140 6.96 -25.44 1.83
CA PHE D 140 7.60 -26.68 1.42
C PHE D 140 8.89 -26.40 0.68
N TYR D 141 9.70 -27.43 0.51
CA TYR D 141 10.81 -27.42 -0.43
C TYR D 141 10.94 -28.76 -1.13
N LEU D 142 11.54 -28.74 -2.31
CA LEU D 142 11.84 -29.93 -3.10
C LEU D 142 13.33 -30.07 -3.23
N THR D 143 13.82 -31.29 -3.08
CA THR D 143 15.28 -31.56 -3.11
C THR D 143 15.63 -32.87 -3.86
N GLU D 144 16.84 -32.91 -4.41
CA GLU D 144 17.32 -34.07 -5.13
C GLU D 144 18.48 -34.73 -4.34
N THR E 40 -4.18 -40.60 -7.24
CA THR E 40 -3.02 -39.96 -7.92
C THR E 40 -2.67 -40.72 -9.17
N SER E 41 -2.96 -40.15 -10.33
CA SER E 41 -2.58 -40.80 -11.60
C SER E 41 -1.32 -40.19 -12.29
N LEU E 42 -0.55 -39.36 -11.55
CA LEU E 42 0.63 -38.66 -12.13
C LEU E 42 1.40 -37.81 -11.13
N ASP E 43 2.74 -37.86 -11.24
CA ASP E 43 3.66 -37.02 -10.47
C ASP E 43 4.98 -36.82 -11.22
N ILE E 44 5.08 -35.73 -11.98
CA ILE E 44 6.34 -35.31 -12.54
C ILE E 44 7.01 -34.32 -11.57
N ALA E 45 8.33 -34.37 -11.49
CA ALA E 45 9.11 -33.37 -10.75
C ALA E 45 10.36 -33.04 -11.57
N GLU E 46 10.70 -31.77 -11.68
CA GLU E 46 11.99 -31.42 -12.27
C GLU E 46 12.58 -30.13 -11.79
N GLU E 47 13.89 -30.01 -11.93
CA GLU E 47 14.60 -28.76 -11.65
C GLU E 47 14.92 -28.02 -12.95
N LEU E 48 14.65 -26.73 -12.97
CA LEU E 48 14.88 -25.90 -14.12
C LEU E 48 15.80 -24.80 -13.68
N GLN E 49 16.59 -24.28 -14.62
CA GLN E 49 17.61 -23.30 -14.29
C GLN E 49 17.75 -22.25 -15.37
N ASN E 50 17.93 -21.00 -14.90
CA ASN E 50 18.17 -19.75 -15.72
C ASN E 50 19.58 -19.06 -15.62
N ASP E 51 19.82 -18.08 -16.51
CA ASP E 51 21.15 -17.50 -16.73
C ASP E 51 21.68 -16.62 -15.62
N LYS E 52 20.80 -16.25 -14.69
CA LYS E 52 21.17 -15.47 -13.53
C LYS E 52 21.52 -16.33 -12.30
N GLY E 53 21.49 -17.66 -12.43
CA GLY E 53 21.80 -18.54 -11.32
C GLY E 53 20.59 -19.07 -10.57
N VAL E 54 19.38 -18.61 -10.96
CA VAL E 54 18.13 -19.01 -10.31
C VAL E 54 17.72 -20.44 -10.69
N SER E 55 17.57 -21.32 -9.71
CA SER E 55 16.98 -22.66 -9.86
C SER E 55 15.54 -22.73 -9.33
N PHE E 56 14.67 -23.39 -10.09
CA PHE E 56 13.31 -23.64 -9.65
C PHE E 56 13.08 -25.13 -9.69
N ALA E 57 12.45 -25.65 -8.65
CA ALA E 57 11.95 -27.02 -8.70
C ALA E 57 10.45 -26.95 -8.95
N PHE E 58 9.93 -27.75 -9.88
CA PHE E 58 8.50 -27.87 -10.11
C PHE E 58 8.02 -29.27 -9.89
N GLN E 59 6.83 -29.41 -9.32
CA GLN E 59 6.16 -30.70 -9.25
C GLN E 59 4.78 -30.55 -9.85
N ALA E 60 4.44 -31.43 -10.78
CA ALA E 60 3.11 -31.43 -11.38
C ALA E 60 2.40 -32.66 -10.88
N ARG E 61 1.14 -32.53 -10.52
CA ARG E 61 0.41 -33.62 -9.95
C ARG E 61 -0.99 -33.65 -10.53
N GLU E 62 -1.47 -34.85 -10.85
CA GLU E 62 -2.83 -35.04 -11.30
C GLU E 62 -3.50 -36.02 -10.35
N GLU E 63 -4.76 -35.76 -10.03
CA GLU E 63 -5.54 -36.57 -9.09
C GLU E 63 -6.96 -36.77 -9.61
N GLU E 64 -7.51 -37.97 -9.45
CA GLU E 64 -8.87 -38.22 -9.91
C GLU E 64 -9.77 -38.35 -8.71
N LEU E 65 -10.92 -37.69 -8.79
CA LEU E 65 -11.83 -37.62 -7.65
C LEU E 65 -13.21 -37.89 -8.16
N GLY E 66 -13.49 -39.16 -8.47
CA GLY E 66 -14.77 -39.50 -9.08
C GLY E 66 -14.95 -38.76 -10.40
N ALA E 67 -15.94 -37.87 -10.47
CA ALA E 67 -16.27 -37.14 -11.73
C ALA E 67 -15.23 -36.06 -12.09
N PHE E 68 -14.38 -35.71 -11.12
CA PHE E 68 -13.47 -34.56 -11.24
C PHE E 68 -12.01 -34.94 -11.30
N THR E 69 -11.26 -34.12 -12.02
CA THR E 69 -9.80 -34.16 -11.98
C THR E 69 -9.24 -32.87 -11.39
N LYS E 70 -8.18 -33.03 -10.62
CA LYS E 70 -7.43 -31.90 -10.08
C LYS E 70 -5.98 -31.92 -10.59
N ARG E 71 -5.54 -30.81 -11.13
CA ARG E 71 -4.16 -30.68 -11.55
C ARG E 71 -3.47 -29.57 -10.77
N THR E 72 -2.42 -29.93 -10.03
CA THR E 72 -1.69 -29.00 -9.24
C THR E 72 -0.26 -28.82 -9.71
N LEU E 73 0.16 -27.57 -9.87
CA LEU E 73 1.57 -27.23 -10.03
C LEU E 73 2.12 -26.75 -8.67
N PHE E 74 3.27 -27.27 -8.27
CA PHE E 74 3.97 -26.84 -7.07
C PHE E 74 5.28 -26.22 -7.51
N ALA E 75 5.66 -25.08 -6.94
CA ALA E 75 6.92 -24.42 -7.32
C ALA E 75 7.75 -23.99 -6.13
N TYR E 76 9.05 -24.25 -6.18
CA TYR E 76 9.93 -23.84 -5.12
C TYR E 76 11.22 -23.27 -5.70
N SER E 77 11.67 -22.16 -5.14
CA SER E 77 13.00 -21.65 -5.39
C SER E 77 13.54 -20.97 -4.13
N GLY E 78 14.79 -21.24 -3.79
CA GLY E 78 15.48 -20.51 -2.73
C GLY E 78 16.06 -19.16 -3.17
N ASP E 79 16.15 -18.95 -4.49
CA ASP E 79 16.75 -17.76 -5.05
C ASP E 79 15.80 -16.55 -5.03
N GLY E 80 16.35 -15.36 -5.26
CA GLY E 80 15.56 -14.17 -5.50
C GLY E 80 15.37 -13.97 -6.99
N LEU E 81 14.46 -13.10 -7.38
CA LEU E 81 14.10 -13.00 -8.78
C LEU E 81 13.67 -11.61 -9.07
N THR E 82 14.27 -10.99 -10.08
CA THR E 82 13.89 -9.64 -10.42
C THR E 82 13.04 -9.56 -11.67
N GLY E 83 13.50 -10.19 -12.75
CA GLY E 83 12.73 -10.24 -13.97
C GLY E 83 12.04 -11.58 -14.12
N PRO E 84 11.54 -11.86 -15.34
CA PRO E 84 10.92 -13.16 -15.62
C PRO E 84 11.91 -14.31 -15.55
N PHE E 85 11.42 -15.50 -15.23
CA PHE E 85 12.25 -16.68 -15.25
C PHE E 85 11.91 -17.52 -16.49
N LYS E 86 12.89 -17.72 -17.37
CA LYS E 86 12.70 -18.52 -18.58
C LYS E 86 13.66 -19.72 -18.56
N ALA E 87 13.11 -20.90 -18.78
CA ALA E 87 13.92 -22.09 -18.86
C ALA E 87 13.25 -23.13 -19.75
N PRO E 88 14.04 -23.94 -20.46
CA PRO E 88 13.38 -24.99 -21.23
C PRO E 88 12.83 -26.11 -20.33
N ALA E 89 11.67 -26.65 -20.67
CA ALA E 89 11.06 -27.71 -19.87
C ALA E 89 11.03 -29.02 -20.65
N SER E 90 10.89 -30.12 -19.91
CA SER E 90 10.64 -31.42 -20.53
C SER E 90 9.28 -31.38 -21.28
N ALA E 91 9.05 -32.40 -22.12
CA ALA E 91 7.80 -32.42 -22.90
C ALA E 91 6.59 -32.75 -22.04
N GLU E 92 6.83 -33.57 -21.01
CA GLU E 92 5.76 -33.98 -20.08
C GLU E 92 5.23 -32.75 -19.33
N LEU E 93 6.17 -31.94 -18.81
CA LEU E 93 5.80 -30.74 -18.10
C LEU E 93 5.14 -29.72 -19.05
N SER E 94 5.68 -29.54 -20.26
CA SER E 94 5.06 -28.60 -21.20
C SER E 94 3.61 -29.02 -21.49
N SER E 95 3.42 -30.32 -21.54
CA SER E 95 2.13 -30.88 -21.86
C SER E 95 1.16 -30.60 -20.71
N PHE E 96 1.59 -30.91 -19.50
CA PHE E 96 0.83 -30.61 -18.29
C PHE E 96 0.44 -29.14 -18.21
N LEU E 97 1.41 -28.25 -18.36
CA LEU E 97 1.19 -26.82 -18.21
C LEU E 97 0.27 -26.21 -19.26
N THR E 98 0.19 -26.86 -20.42
CA THR E 98 -0.64 -26.38 -21.53
C THR E 98 -2.12 -26.73 -21.31
N ALA E 99 -2.33 -27.76 -20.50
CA ALA E 99 -3.67 -28.26 -20.22
C ALA E 99 -4.59 -27.27 -19.48
N HIS E 100 -4.03 -26.33 -18.73
CA HIS E 100 -4.85 -25.37 -17.95
C HIS E 100 -5.87 -24.62 -18.83
N PRO E 101 -7.15 -24.54 -18.37
CA PRO E 101 -8.23 -23.84 -19.11
C PRO E 101 -7.95 -22.40 -19.46
N LYS E 102 -7.01 -21.75 -18.76
CA LYS E 102 -6.65 -20.37 -19.07
C LYS E 102 -5.33 -20.26 -19.83
N GLY E 103 -4.70 -21.41 -20.08
CA GLY E 103 -3.42 -21.44 -20.78
C GLY E 103 -2.28 -20.89 -19.93
N ARG E 104 -2.54 -20.68 -18.63
CA ARG E 104 -1.51 -20.25 -17.69
C ARG E 104 -1.90 -20.40 -16.22
N TRP E 105 -0.89 -20.47 -15.36
CA TRP E 105 -1.08 -20.78 -13.97
C TRP E 105 -0.79 -19.59 -13.06
N LEU E 106 -1.83 -19.02 -12.49
CA LEU E 106 -1.69 -17.94 -11.54
C LEU E 106 -1.27 -18.55 -10.23
N ILE E 107 -0.16 -18.10 -9.67
CA ILE E 107 0.44 -18.77 -8.50
C ILE E 107 0.89 -17.76 -7.42
N ALA E 108 0.52 -17.99 -6.17
CA ALA E 108 0.84 -17.07 -5.07
C ALA E 108 2.06 -17.54 -4.29
N PHE E 109 3.08 -16.71 -4.26
CA PHE E 109 4.21 -16.96 -3.40
C PHE E 109 4.11 -16.08 -2.14
N PRO E 110 4.89 -16.40 -1.08
CA PRO E 110 4.74 -15.62 0.13
C PRO E 110 4.83 -14.10 -0.06
N LEU E 111 5.72 -13.63 -0.93
CA LEU E 111 5.97 -12.18 -1.09
C LEU E 111 5.40 -11.57 -2.34
N GLY E 112 4.76 -12.36 -3.18
CA GLY E 112 4.18 -11.82 -4.43
C GLY E 112 3.56 -12.87 -5.32
N THR E 113 3.00 -12.40 -6.42
CA THR E 113 2.20 -13.23 -7.30
C THR E 113 2.87 -13.45 -8.65
N GLY E 114 2.76 -14.66 -9.17
CA GLY E 114 3.34 -14.99 -10.47
C GLY E 114 2.40 -15.68 -11.44
N ILE E 115 2.75 -15.66 -12.71
CA ILE E 115 2.04 -16.36 -13.76
C ILE E 115 2.98 -17.32 -14.45
N VAL E 116 2.69 -18.61 -14.40
CA VAL E 116 3.47 -19.59 -15.11
C VAL E 116 2.79 -19.94 -16.44
N SER E 117 3.55 -19.93 -17.51
CA SER E 117 3.01 -20.35 -18.78
C SER E 117 4.11 -21.04 -19.56
N VAL E 118 3.72 -21.75 -20.61
CA VAL E 118 4.69 -22.48 -21.43
C VAL E 118 4.43 -22.17 -22.88
N ASP E 119 5.50 -21.96 -23.61
CA ASP E 119 5.40 -21.66 -25.02
C ASP E 119 6.62 -22.25 -25.76
N GLU E 120 6.32 -23.22 -26.66
CA GLU E 120 7.34 -23.87 -27.46
C GLU E 120 8.34 -24.65 -26.57
N GLY E 121 7.85 -25.21 -25.47
CA GLY E 121 8.72 -25.90 -24.54
C GLY E 121 9.59 -24.97 -23.71
N ILE E 122 9.38 -23.66 -23.84
CA ILE E 122 10.01 -22.73 -22.90
C ILE E 122 9.03 -22.33 -21.77
N LEU E 123 9.41 -22.66 -20.54
CA LEU E 123 8.64 -22.23 -19.38
C LEU E 123 8.95 -20.78 -19.01
N THR E 124 7.92 -19.99 -18.80
CA THR E 124 8.06 -18.62 -18.31
C THR E 124 7.31 -18.40 -17.02
N LEU E 125 7.99 -17.80 -16.04
CA LEU E 125 7.35 -17.37 -14.83
C LEU E 125 7.48 -15.87 -14.78
N GLU E 126 6.38 -15.17 -14.99
CA GLU E 126 6.38 -13.73 -14.82
C GLU E 126 5.94 -13.31 -13.40
N ILE E 127 6.52 -12.24 -12.86
CA ILE E 127 6.21 -11.82 -11.50
C ILE E 127 5.66 -10.40 -11.48
N SER E 128 4.80 -10.13 -10.51
CA SER E 128 4.18 -8.80 -10.36
C SER E 128 5.16 -7.79 -9.73
N ARG E 129 6.02 -8.26 -8.83
CA ARG E 129 7.04 -7.44 -8.19
C ARG E 129 8.30 -8.29 -8.06
N SER E 130 9.47 -7.66 -7.98
CA SER E 130 10.70 -8.41 -7.66
C SER E 130 10.57 -9.11 -6.34
N LEU E 131 11.08 -10.32 -6.28
CA LEU E 131 11.04 -11.11 -5.05
C LEU E 131 12.44 -11.37 -4.53
N PRO E 132 12.80 -10.80 -3.37
CA PRO E 132 14.12 -11.11 -2.74
C PRO E 132 14.29 -12.60 -2.41
N GLU E 133 13.19 -13.26 -2.07
CA GLU E 133 13.14 -14.72 -2.05
C GLU E 133 11.81 -15.21 -2.59
N VAL E 134 11.82 -16.26 -3.40
CA VAL E 134 10.61 -16.74 -4.03
C VAL E 134 9.80 -17.61 -3.08
N GLY E 135 10.45 -18.58 -2.43
CA GLY E 135 9.79 -19.51 -1.54
C GLY E 135 8.99 -20.56 -2.29
N SER E 136 7.88 -20.98 -1.68
CA SER E 136 7.07 -22.02 -2.27
C SER E 136 5.63 -21.54 -2.53
N GLY E 137 5.00 -22.13 -3.51
CA GLY E 137 3.60 -21.91 -3.76
C GLY E 137 3.02 -23.01 -4.64
N SER E 138 1.71 -23.01 -4.76
CA SER E 138 1.05 -23.91 -5.67
C SER E 138 -0.11 -23.24 -6.37
N SER E 139 -0.50 -23.81 -7.48
CA SER E 139 -1.63 -23.34 -8.23
C SER E 139 -2.32 -24.61 -8.74
N PHE E 140 -3.64 -24.64 -8.68
CA PHE E 140 -4.37 -25.80 -9.17
C PHE E 140 -5.67 -25.41 -9.87
N TYR E 141 -6.25 -26.37 -10.58
CA TYR E 141 -7.60 -26.24 -11.06
C TYR E 141 -8.31 -27.58 -10.96
N LEU E 142 -9.64 -27.51 -10.86
CA LEU E 142 -10.52 -28.69 -10.87
C LEU E 142 -11.35 -28.68 -12.12
N THR E 143 -11.54 -29.86 -12.70
CA THR E 143 -12.30 -29.97 -13.96
C THR E 143 -13.15 -31.25 -14.04
N GLU E 144 -14.24 -31.18 -14.81
CA GLU E 144 -15.15 -32.31 -14.98
C GLU E 144 -15.07 -32.89 -16.37
N LYS F 39 -4.95 -43.46 4.91
CA LYS F 39 -5.15 -42.13 5.56
C LYS F 39 -6.49 -41.43 5.14
N THR F 40 -6.50 -40.75 3.97
CA THR F 40 -7.66 -40.01 3.41
C THR F 40 -8.98 -40.72 3.62
N SER F 41 -9.82 -40.20 4.50
CA SER F 41 -11.13 -40.81 4.75
C SER F 41 -12.32 -40.08 4.06
N LEU F 42 -12.02 -39.21 3.08
CA LEU F 42 -13.08 -38.42 2.40
C LEU F 42 -12.54 -37.50 1.30
N ASP F 43 -13.31 -37.40 0.22
CA ASP F 43 -13.05 -36.46 -0.87
C ASP F 43 -14.32 -36.13 -1.62
N ILE F 44 -14.96 -35.04 -1.26
CA ILE F 44 -16.06 -34.52 -2.07
C ILE F 44 -15.49 -33.49 -3.03
N ALA F 45 -16.07 -33.41 -4.23
CA ALA F 45 -15.77 -32.31 -5.17
C ALA F 45 -17.04 -31.84 -5.83
N GLU F 46 -17.25 -30.54 -5.93
CA GLU F 46 -18.38 -30.07 -6.73
C GLU F 46 -18.18 -28.73 -7.37
N GLU F 47 -18.95 -28.48 -8.43
CA GLU F 47 -19.02 -27.20 -9.08
C GLU F 47 -20.28 -26.46 -8.62
N LEU F 48 -20.12 -25.19 -8.24
CA LEU F 48 -21.21 -24.34 -7.84
C LEU F 48 -21.27 -23.15 -8.77
N GLN F 49 -22.46 -22.62 -8.98
CA GLN F 49 -22.66 -21.54 -9.93
C GLN F 49 -23.66 -20.51 -9.39
N ASN F 50 -23.42 -19.23 -9.64
CA ASN F 50 -24.34 -18.16 -9.27
C ASN F 50 -25.12 -17.56 -10.44
N ASP F 51 -25.73 -16.39 -10.19
CA ASP F 51 -26.58 -15.67 -11.18
C ASP F 51 -25.83 -15.14 -12.42
N LYS F 52 -24.64 -14.54 -12.25
CA LYS F 52 -23.91 -13.98 -13.39
C LYS F 52 -23.37 -15.08 -14.28
N GLY F 53 -23.04 -16.20 -13.66
CA GLY F 53 -22.50 -17.34 -14.38
C GLY F 53 -21.12 -17.66 -13.87
N VAL F 54 -20.83 -17.19 -12.64
CA VAL F 54 -19.52 -17.40 -12.03
C VAL F 54 -19.47 -18.80 -11.45
N SER F 55 -18.49 -19.57 -11.88
CA SER F 55 -18.38 -20.93 -11.45
C SER F 55 -17.21 -21.13 -10.51
N PHE F 56 -17.47 -21.86 -9.43
CA PHE F 56 -16.43 -22.20 -8.50
C PHE F 56 -16.42 -23.68 -8.39
N ALA F 57 -15.24 -24.27 -8.37
CA ALA F 57 -15.15 -25.67 -8.05
C ALA F 57 -14.60 -25.76 -6.64
N PHE F 58 -15.16 -26.64 -5.83
CA PHE F 58 -14.65 -26.88 -4.48
C PHE F 58 -14.25 -28.30 -4.29
N GLN F 59 -13.20 -28.54 -3.52
CA GLN F 59 -12.91 -29.90 -3.09
C GLN F 59 -12.72 -29.91 -1.60
N ALA F 60 -13.46 -30.79 -0.94
CA ALA F 60 -13.31 -30.97 0.49
C ALA F 60 -12.56 -32.28 0.76
N ARG F 61 -11.62 -32.25 1.69
CA ARG F 61 -10.86 -33.42 1.97
C ARG F 61 -10.65 -33.60 3.47
N GLU F 62 -10.76 -34.83 3.92
CA GLU F 62 -10.48 -35.16 5.31
C GLU F 62 -9.40 -36.21 5.39
N GLU F 63 -8.50 -36.06 6.33
CA GLU F 63 -7.36 -36.95 6.46
C GLU F 63 -7.13 -37.25 7.93
N GLU F 64 -6.80 -38.50 8.21
CA GLU F 64 -6.51 -38.87 9.60
C GLU F 64 -5.04 -39.10 9.80
N LEU F 65 -4.51 -38.49 10.86
CA LEU F 65 -3.06 -38.52 11.12
C LEU F 65 -2.82 -38.95 12.57
N GLY F 66 -3.00 -40.25 12.84
CA GLY F 66 -2.97 -40.72 14.22
C GLY F 66 -4.01 -39.99 15.06
N ALA F 67 -3.55 -39.24 16.07
CA ALA F 67 -4.43 -38.51 17.02
C ALA F 67 -5.20 -37.35 16.38
N PHE F 68 -4.72 -36.88 15.21
CA PHE F 68 -5.25 -35.66 14.57
C PHE F 68 -6.05 -35.91 13.29
N THR F 69 -7.01 -35.04 13.06
CA THR F 69 -7.70 -34.95 11.76
C THR F 69 -7.38 -33.62 11.08
N LYS F 70 -7.24 -33.67 9.76
CA LYS F 70 -7.07 -32.45 9.00
C LYS F 70 -8.21 -32.33 8.05
N ARG F 71 -8.83 -31.17 8.00
CA ARG F 71 -9.85 -30.92 7.00
C ARG F 71 -9.45 -29.76 6.12
N THR F 72 -9.43 -29.99 4.81
CA THR F 72 -9.02 -28.98 3.86
C THR F 72 -10.11 -28.65 2.85
N LEU F 73 -10.37 -27.36 2.67
CA LEU F 73 -11.17 -26.89 1.58
C LEU F 73 -10.28 -26.36 0.47
N PHE F 74 -10.48 -26.82 -0.76
CA PHE F 74 -9.78 -26.29 -1.93
C PHE F 74 -10.77 -25.54 -2.82
N ALA F 75 -10.41 -24.39 -3.35
CA ALA F 75 -11.34 -23.63 -4.19
C ALA F 75 -10.67 -23.16 -5.45
N TYR F 76 -11.39 -23.22 -6.56
CA TYR F 76 -10.88 -22.70 -7.79
C TYR F 76 -11.97 -21.98 -8.57
N SER F 77 -11.64 -20.83 -9.12
CA SER F 77 -12.48 -20.23 -10.15
C SER F 77 -11.62 -19.49 -11.16
N GLY F 78 -11.94 -19.67 -12.43
CA GLY F 78 -11.35 -18.86 -13.45
C GLY F 78 -11.96 -17.47 -13.60
N ASP F 79 -13.14 -17.28 -13.03
CA ASP F 79 -13.90 -16.03 -13.17
C ASP F 79 -13.37 -14.89 -12.26
N GLY F 80 -13.77 -13.67 -12.57
CA GLY F 80 -13.60 -12.54 -11.69
C GLY F 80 -14.79 -12.38 -10.75
N LEU F 81 -14.64 -11.59 -9.70
CA LEU F 81 -15.65 -11.50 -8.67
C LEU F 81 -15.62 -10.12 -8.08
N THR F 82 -16.76 -9.48 -8.01
CA THR F 82 -16.80 -8.15 -7.40
C THR F 82 -17.50 -8.14 -6.08
N GLY F 83 -18.66 -8.79 -6.00
CA GLY F 83 -19.41 -8.90 -4.74
C GLY F 83 -19.21 -10.29 -4.16
N PRO F 84 -20.01 -10.66 -3.16
CA PRO F 84 -19.98 -12.00 -2.61
C PRO F 84 -20.49 -13.04 -3.61
N PHE F 85 -20.01 -14.27 -3.47
CA PHE F 85 -20.48 -15.35 -4.29
C PHE F 85 -21.44 -16.16 -3.45
N LYS F 86 -22.71 -16.28 -3.87
CA LYS F 86 -23.70 -17.14 -3.19
C LYS F 86 -24.21 -18.24 -4.11
N ALA F 87 -24.21 -19.48 -3.64
CA ALA F 87 -24.72 -20.61 -4.44
C ALA F 87 -25.20 -21.71 -3.52
N PRO F 88 -26.21 -22.49 -3.96
CA PRO F 88 -26.61 -23.64 -3.12
C PRO F 88 -25.58 -24.77 -3.14
N ALA F 89 -25.32 -25.35 -1.98
CA ALA F 89 -24.38 -26.50 -1.89
C ALA F 89 -25.12 -27.82 -1.57
N SER F 90 -24.49 -28.93 -1.93
CA SER F 90 -24.99 -30.25 -1.55
C SER F 90 -24.98 -30.37 -0.03
N ALA F 91 -25.70 -31.34 0.51
CA ALA F 91 -25.74 -31.50 1.97
C ALA F 91 -24.42 -32.01 2.54
N GLU F 92 -23.64 -32.75 1.75
CA GLU F 92 -22.37 -33.25 2.19
C GLU F 92 -21.40 -32.10 2.40
N LEU F 93 -21.37 -31.17 1.44
CA LEU F 93 -20.49 -30.00 1.51
C LEU F 93 -20.88 -29.10 2.65
N SER F 94 -22.18 -28.80 2.77
CA SER F 94 -22.67 -27.95 3.86
C SER F 94 -22.25 -28.51 5.20
N SER F 95 -22.28 -29.83 5.28
CA SER F 95 -21.97 -30.54 6.51
C SER F 95 -20.48 -30.39 6.83
N PHE F 96 -19.65 -30.59 5.82
CA PHE F 96 -18.22 -30.41 5.93
C PHE F 96 -17.87 -28.98 6.36
N LEU F 97 -18.44 -27.99 5.68
CA LEU F 97 -18.13 -26.59 5.94
C LEU F 97 -18.55 -26.10 7.33
N THR F 98 -19.58 -26.72 7.88
CA THR F 98 -20.14 -26.34 9.17
C THR F 98 -19.29 -26.85 10.30
N ALA F 99 -18.50 -27.89 10.02
CA ALA F 99 -17.62 -28.50 11.01
C ALA F 99 -16.48 -27.61 11.51
N HIS F 100 -16.07 -26.60 10.75
CA HIS F 100 -14.96 -25.70 11.16
C HIS F 100 -15.16 -25.08 12.56
N PRO F 101 -14.15 -25.18 13.46
CA PRO F 101 -14.20 -24.55 14.82
C PRO F 101 -14.56 -23.06 14.86
N LYS F 102 -14.41 -22.32 13.76
CA LYS F 102 -14.82 -20.91 13.75
C LYS F 102 -16.10 -20.72 12.97
N GLY F 103 -16.62 -21.80 12.39
CA GLY F 103 -17.87 -21.71 11.63
C GLY F 103 -17.70 -21.03 10.28
N ARG F 104 -16.44 -20.86 9.88
CA ARG F 104 -16.11 -20.31 8.55
C ARG F 104 -14.64 -20.49 8.17
N TRP F 105 -14.38 -20.41 6.87
CA TRP F 105 -13.09 -20.77 6.32
C TRP F 105 -12.40 -19.56 5.73
N LEU F 106 -11.41 -19.04 6.46
CA LEU F 106 -10.55 -17.99 5.98
C LEU F 106 -9.59 -18.55 4.90
N ILE F 107 -9.65 -17.98 3.70
CA ILE F 107 -8.93 -18.55 2.57
C ILE F 107 -8.19 -17.49 1.77
N ALA F 108 -6.92 -17.73 1.49
CA ALA F 108 -6.07 -16.84 0.70
C ALA F 108 -6.05 -17.20 -0.79
N PHE F 109 -6.44 -16.25 -1.62
CA PHE F 109 -6.26 -16.36 -3.05
C PHE F 109 -5.08 -15.52 -3.52
N PRO F 110 -4.59 -15.77 -4.75
CA PRO F 110 -3.40 -14.99 -5.15
C PRO F 110 -3.55 -13.44 -5.05
N LEU F 111 -4.74 -12.91 -5.36
CA LEU F 111 -4.97 -11.45 -5.35
C LEU F 111 -5.77 -10.92 -4.18
N GLY F 112 -6.19 -11.76 -3.25
CA GLY F 112 -6.96 -11.28 -2.13
C GLY F 112 -7.46 -12.35 -1.20
N THR F 113 -8.10 -11.94 -0.12
CA THR F 113 -8.53 -12.87 0.92
C THR F 113 -10.04 -13.04 0.96
N GLY F 114 -10.49 -14.27 1.17
CA GLY F 114 -11.93 -14.54 1.29
C GLY F 114 -12.34 -15.28 2.56
N ILE F 115 -13.63 -15.24 2.86
CA ILE F 115 -14.19 -16.06 3.93
C ILE F 115 -15.27 -16.92 3.33
N VAL F 116 -15.18 -18.23 3.54
CA VAL F 116 -16.22 -19.14 3.08
C VAL F 116 -17.04 -19.58 4.26
N SER F 117 -18.35 -19.43 4.15
CA SER F 117 -19.25 -19.95 5.17
C SER F 117 -20.48 -20.53 4.51
N VAL F 118 -21.24 -21.30 5.28
CA VAL F 118 -22.45 -21.91 4.78
C VAL F 118 -23.56 -21.64 5.77
N ASP F 119 -24.75 -21.40 5.22
CA ASP F 119 -25.91 -21.12 6.03
C ASP F 119 -27.14 -21.61 5.28
N GLU F 120 -27.80 -22.62 5.86
CA GLU F 120 -29.07 -23.13 5.33
C GLU F 120 -28.87 -23.76 3.95
N GLY F 121 -27.72 -24.40 3.76
CA GLY F 121 -27.39 -24.98 2.47
C GLY F 121 -27.01 -23.96 1.39
N ILE F 122 -26.94 -22.69 1.76
CA ILE F 122 -26.35 -21.65 0.88
C ILE F 122 -24.86 -21.35 1.23
N LEU F 123 -23.97 -21.62 0.29
CA LEU F 123 -22.57 -21.28 0.41
C LEU F 123 -22.33 -19.78 0.06
N THR F 124 -21.65 -19.09 0.96
CA THR F 124 -21.23 -17.73 0.72
C THR F 124 -19.73 -17.58 0.77
N LEU F 125 -19.20 -16.91 -0.24
CA LEU F 125 -17.80 -16.53 -0.26
C LEU F 125 -17.77 -15.02 -0.25
N GLU F 126 -17.33 -14.45 0.84
CA GLU F 126 -17.10 -13.01 0.92
C GLU F 126 -15.65 -12.64 0.64
N ILE F 127 -15.44 -11.53 -0.07
CA ILE F 127 -14.09 -11.11 -0.41
C ILE F 127 -13.73 -9.74 0.12
N SER F 128 -12.45 -9.56 0.46
CA SER F 128 -11.92 -8.29 1.02
C SER F 128 -11.80 -7.17 -0.04
N ARG F 129 -11.50 -7.55 -1.27
CA ARG F 129 -11.41 -6.61 -2.36
C ARG F 129 -11.97 -7.31 -3.60
N SER F 130 -12.39 -6.55 -4.63
CA SER F 130 -12.78 -7.17 -5.89
C SER F 130 -11.60 -7.90 -6.51
N LEU F 131 -11.86 -9.04 -7.12
CA LEU F 131 -10.83 -9.84 -7.70
C LEU F 131 -11.12 -9.94 -9.19
N PRO F 132 -10.25 -9.37 -10.05
CA PRO F 132 -10.33 -9.58 -11.50
C PRO F 132 -10.21 -11.07 -11.93
N GLU F 133 -9.44 -11.85 -11.17
CA GLU F 133 -9.43 -13.30 -11.28
C GLU F 133 -9.26 -13.92 -9.91
N VAL F 134 -10.01 -14.97 -9.64
CA VAL F 134 -9.96 -15.59 -8.34
C VAL F 134 -8.73 -16.50 -8.18
N GLY F 135 -8.57 -17.43 -9.11
CA GLY F 135 -7.50 -18.41 -9.05
C GLY F 135 -7.80 -19.54 -8.08
N SER F 136 -6.76 -20.03 -7.43
CA SER F 136 -6.93 -21.15 -6.53
C SER F 136 -6.43 -20.83 -5.14
N GLY F 137 -7.06 -21.43 -4.15
CA GLY F 137 -6.57 -21.36 -2.79
C GLY F 137 -7.06 -22.52 -1.94
N SER F 138 -6.45 -22.67 -0.79
CA SER F 138 -6.92 -23.64 0.17
C SER F 138 -6.95 -23.09 1.59
N SER F 139 -7.78 -23.71 2.41
CA SER F 139 -7.92 -23.38 3.80
C SER F 139 -8.06 -24.70 4.56
N PHE F 140 -7.38 -24.85 5.67
CA PHE F 140 -7.51 -26.05 6.42
C PHE F 140 -7.51 -25.83 7.91
N TYR F 141 -7.88 -26.86 8.66
CA TYR F 141 -7.60 -26.85 10.09
C TYR F 141 -7.19 -28.22 10.58
N LEU F 142 -6.46 -28.24 11.68
CA LEU F 142 -6.09 -29.49 12.35
C LEU F 142 -6.76 -29.61 13.70
N THR F 143 -7.23 -30.80 14.04
CA THR F 143 -7.98 -30.99 15.29
C THR F 143 -7.69 -32.35 15.96
N GLU F 144 -7.87 -32.39 17.28
CA GLU F 144 -7.62 -33.58 18.07
C GLU F 144 -8.93 -34.12 18.61
N THR G 40 -33.46 20.09 14.42
CA THR G 40 -33.73 19.41 13.11
C THR G 40 -34.85 20.08 12.34
N SER G 41 -34.53 20.76 11.24
CA SER G 41 -35.56 21.39 10.44
C SER G 41 -35.84 20.63 9.12
N LEU G 42 -35.37 19.38 9.03
CA LEU G 42 -35.57 18.60 7.78
C LEU G 42 -35.05 17.16 7.86
N ASP G 43 -35.83 16.22 7.34
CA ASP G 43 -35.40 14.83 7.17
C ASP G 43 -36.08 14.18 5.97
N ILE G 44 -35.40 14.14 4.83
CA ILE G 44 -35.85 13.35 3.68
C ILE G 44 -35.17 11.99 3.74
N ALA G 45 -35.90 10.94 3.35
CA ALA G 45 -35.31 9.63 3.15
C ALA G 45 -35.87 9.06 1.86
N GLU G 46 -35.01 8.48 1.03
CA GLU G 46 -35.52 7.69 -0.09
C GLU G 46 -34.62 6.57 -0.57
N GLU G 47 -35.24 5.55 -1.16
CA GLU G 47 -34.55 4.47 -1.84
C GLU G 47 -34.47 4.72 -3.35
N LEU G 48 -33.28 4.52 -3.90
CA LEU G 48 -33.01 4.73 -5.30
C LEU G 48 -32.48 3.45 -5.84
N GLN G 49 -32.73 3.21 -7.10
CA GLN G 49 -32.38 1.95 -7.73
C GLN G 49 -31.98 2.21 -9.15
N ASN G 50 -31.01 1.49 -9.66
CA ASN G 50 -30.62 1.71 -11.04
C ASN G 50 -31.23 0.67 -11.98
N ASP G 51 -30.88 0.70 -13.25
CA ASP G 51 -31.40 -0.26 -14.22
C ASP G 51 -30.83 -1.70 -14.08
N LYS G 52 -29.90 -1.93 -13.15
CA LYS G 52 -29.44 -3.31 -12.83
C LYS G 52 -29.96 -3.84 -11.48
N GLY G 53 -30.84 -3.08 -10.83
CA GLY G 53 -31.45 -3.51 -9.56
C GLY G 53 -30.60 -3.31 -8.31
N VAL G 54 -29.60 -2.43 -8.40
CA VAL G 54 -28.78 -2.03 -7.25
C VAL G 54 -29.53 -0.93 -6.48
N SER G 55 -29.59 -1.05 -5.15
CA SER G 55 -30.42 -0.17 -4.33
C SER G 55 -29.58 0.58 -3.37
N PHE G 56 -29.84 1.88 -3.31
CA PHE G 56 -29.25 2.74 -2.29
C PHE G 56 -30.34 3.41 -1.49
N ALA G 57 -30.16 3.50 -0.18
CA ALA G 57 -31.05 4.33 0.61
C ALA G 57 -30.29 5.58 1.04
N PHE G 58 -30.93 6.73 0.87
CA PHE G 58 -30.32 7.99 1.27
C PHE G 58 -31.19 8.69 2.29
N GLN G 59 -30.55 9.34 3.25
CA GLN G 59 -31.24 10.21 4.17
C GLN G 59 -30.52 11.55 4.16
N ALA G 60 -31.29 12.61 3.95
CA ALA G 60 -30.80 13.97 3.99
C ALA G 60 -31.32 14.62 5.27
N ARG G 61 -30.45 15.29 5.99
CA ARG G 61 -30.87 15.91 7.23
C ARG G 61 -30.32 17.33 7.32
N GLU G 62 -31.15 18.26 7.79
CA GLU G 62 -30.68 19.61 8.07
C GLU G 62 -30.92 19.91 9.53
N GLU G 63 -29.97 20.59 10.16
CA GLU G 63 -30.00 20.92 11.58
C GLU G 63 -29.58 22.36 11.79
N GLU G 64 -30.27 23.06 12.68
CA GLU G 64 -29.88 24.42 12.98
C GLU G 64 -29.19 24.47 14.36
N LEU G 65 -28.05 25.17 14.41
CA LEU G 65 -27.24 25.26 15.62
C LEU G 65 -26.87 26.73 15.87
N GLY G 66 -27.84 27.52 16.33
CA GLY G 66 -27.63 28.96 16.49
C GLY G 66 -27.25 29.56 15.15
N ALA G 67 -26.03 30.11 15.06
CA ALA G 67 -25.53 30.79 13.86
C ALA G 67 -25.27 29.87 12.67
N PHE G 68 -25.16 28.58 12.96
CA PHE G 68 -24.73 27.57 11.96
C PHE G 68 -25.84 26.63 11.51
N THR G 69 -25.72 26.17 10.26
CA THR G 69 -26.52 25.06 9.76
C THR G 69 -25.60 23.88 9.42
N LYS G 70 -26.10 22.68 9.67
CA LYS G 70 -25.41 21.45 9.28
C LYS G 70 -26.27 20.68 8.32
N ARG G 71 -25.69 20.24 7.21
CA ARG G 71 -26.39 19.40 6.29
C ARG G 71 -25.66 18.10 6.14
N THR G 72 -26.34 16.99 6.44
CA THR G 72 -25.77 15.67 6.38
C THR G 72 -26.48 14.81 5.38
N LEU G 73 -25.69 14.15 4.52
CA LEU G 73 -26.14 13.05 3.69
C LEU G 73 -25.71 11.72 4.30
N PHE G 74 -26.68 10.82 4.47
CA PHE G 74 -26.43 9.45 4.90
C PHE G 74 -26.67 8.48 3.73
N ALA G 75 -25.79 7.50 3.52
CA ALA G 75 -26.00 6.56 2.45
C ALA G 75 -25.78 5.15 2.94
N TYR G 76 -26.65 4.24 2.48
CA TYR G 76 -26.53 2.83 2.75
C TYR G 76 -26.89 1.98 1.54
N SER G 77 -26.08 0.96 1.29
CA SER G 77 -26.41 -0.07 0.34
C SER G 77 -25.83 -1.41 0.79
N GLY G 78 -26.65 -2.46 0.68
CA GLY G 78 -26.19 -3.82 0.93
C GLY G 78 -25.46 -4.40 -0.29
N ASP G 79 -25.64 -3.76 -1.44
CA ASP G 79 -25.09 -4.27 -2.70
C ASP G 79 -23.58 -3.96 -2.89
N GLY G 80 -22.96 -4.67 -3.82
CA GLY G 80 -21.62 -4.34 -4.28
C GLY G 80 -21.71 -3.37 -5.47
N LEU G 81 -20.60 -2.75 -5.80
CA LEU G 81 -20.59 -1.74 -6.83
C LEU G 81 -19.27 -1.74 -7.58
N THR G 82 -19.31 -1.85 -8.88
CA THR G 82 -18.08 -1.79 -9.66
C THR G 82 -17.92 -0.47 -10.41
N GLY G 83 -18.95 -0.03 -11.13
CA GLY G 83 -18.90 1.27 -11.82
C GLY G 83 -19.68 2.30 -11.06
N PRO G 84 -19.98 3.46 -11.69
CA PRO G 84 -20.81 4.50 -11.05
C PRO G 84 -22.23 4.04 -10.83
N PHE G 85 -22.91 4.60 -9.85
CA PHE G 85 -24.32 4.32 -9.62
C PHE G 85 -25.11 5.54 -10.07
N LYS G 86 -26.00 5.36 -11.06
CA LYS G 86 -26.86 6.47 -11.54
C LYS G 86 -28.29 6.11 -11.37
N ALA G 87 -29.06 7.01 -10.78
CA ALA G 87 -30.49 6.80 -10.53
C ALA G 87 -31.24 8.14 -10.44
N PRO G 88 -32.52 8.19 -10.88
CA PRO G 88 -33.22 9.49 -10.78
C PRO G 88 -33.62 9.78 -9.33
N ALA G 89 -33.46 11.03 -8.90
CA ALA G 89 -33.83 11.43 -7.52
C ALA G 89 -35.08 12.31 -7.49
N SER G 90 -35.76 12.33 -6.35
CA SER G 90 -36.84 13.28 -6.15
C SER G 90 -36.31 14.74 -6.26
N ALA G 91 -37.22 15.70 -6.45
CA ALA G 91 -36.79 17.08 -6.57
C ALA G 91 -36.27 17.62 -5.23
N GLU G 92 -36.78 17.10 -4.11
CA GLU G 92 -36.33 17.54 -2.77
C GLU G 92 -34.86 17.13 -2.53
N LEU G 93 -34.56 15.88 -2.85
CA LEU G 93 -33.20 15.40 -2.73
C LEU G 93 -32.25 16.15 -3.66
N SER G 94 -32.64 16.28 -4.93
CA SER G 94 -31.80 17.02 -5.89
C SER G 94 -31.48 18.42 -5.37
N SER G 95 -32.45 19.01 -4.72
CA SER G 95 -32.37 20.36 -4.23
C SER G 95 -31.39 20.42 -3.08
N PHE G 96 -31.56 19.50 -2.12
CA PHE G 96 -30.60 19.32 -1.01
C PHE G 96 -29.17 19.08 -1.47
N LEU G 97 -28.99 18.14 -2.41
CA LEU G 97 -27.66 17.78 -2.87
C LEU G 97 -26.91 18.90 -3.61
N THR G 98 -27.65 19.76 -4.29
CA THR G 98 -27.09 20.87 -5.06
C THR G 98 -26.58 21.98 -4.12
N ALA G 99 -27.16 22.06 -2.93
CA ALA G 99 -26.80 23.09 -1.96
C ALA G 99 -25.33 23.07 -1.46
N HIS G 100 -24.64 21.91 -1.56
CA HIS G 100 -23.24 21.77 -1.10
C HIS G 100 -22.30 22.79 -1.74
N PRO G 101 -21.51 23.51 -0.92
CA PRO G 101 -20.53 24.52 -1.40
C PRO G 101 -19.55 24.02 -2.48
N LYS G 102 -19.41 22.71 -2.64
CA LYS G 102 -18.49 22.21 -3.65
C LYS G 102 -19.26 21.60 -4.77
N GLY G 103 -20.59 21.60 -4.63
CA GLY G 103 -21.48 21.02 -5.63
C GLY G 103 -21.40 19.51 -5.73
N ARG G 104 -20.81 18.88 -4.70
CA ARG G 104 -20.77 17.42 -4.57
C ARG G 104 -20.36 16.98 -3.18
N TRP G 105 -20.70 15.73 -2.85
CA TRP G 105 -20.51 15.19 -1.49
C TRP G 105 -19.46 14.08 -1.44
N LEU G 106 -18.29 14.41 -0.92
CA LEU G 106 -17.23 13.43 -0.70
C LEU G 106 -17.64 12.53 0.47
N ILE G 107 -17.71 11.23 0.23
CA ILE G 107 -18.26 10.33 1.26
C ILE G 107 -17.39 9.08 1.50
N ALA G 108 -17.11 8.76 2.76
CA ALA G 108 -16.25 7.60 3.10
C ALA G 108 -17.09 6.38 3.47
N PHE G 109 -16.97 5.32 2.70
CA PHE G 109 -17.54 4.05 3.05
C PHE G 109 -16.48 3.17 3.71
N PRO G 110 -16.88 2.08 4.37
CA PRO G 110 -15.85 1.27 5.03
C PRO G 110 -14.69 0.80 4.13
N LEU G 111 -14.97 0.47 2.88
CA LEU G 111 -13.96 -0.11 1.99
C LEU G 111 -13.43 0.87 0.95
N GLY G 112 -13.94 2.10 0.95
CA GLY G 112 -13.53 3.03 -0.09
C GLY G 112 -14.27 4.35 -0.10
N THR G 113 -13.87 5.23 -1.02
CA THR G 113 -14.37 6.59 -1.02
C THR G 113 -15.24 6.86 -2.26
N GLY G 114 -16.32 7.59 -2.07
CA GLY G 114 -17.16 7.99 -3.20
C GLY G 114 -17.43 9.47 -3.27
N ILE G 115 -17.90 9.90 -4.43
CA ILE G 115 -18.38 11.28 -4.65
C ILE G 115 -19.83 11.23 -5.09
N VAL G 116 -20.72 11.86 -4.34
CA VAL G 116 -22.12 11.94 -4.74
C VAL G 116 -22.39 13.32 -5.30
N SER G 117 -22.97 13.36 -6.49
CA SER G 117 -23.40 14.61 -7.07
C SER G 117 -24.72 14.43 -7.79
N VAL G 118 -25.38 15.53 -8.13
CA VAL G 118 -26.66 15.48 -8.82
C VAL G 118 -26.64 16.40 -9.99
N ASP G 119 -27.22 15.94 -11.09
CA ASP G 119 -27.26 16.72 -12.30
C ASP G 119 -28.55 16.39 -13.04
N GLU G 120 -29.40 17.41 -13.19
CA GLU G 120 -30.67 17.29 -13.94
C GLU G 120 -31.60 16.28 -13.29
N GLY G 121 -31.59 16.22 -11.95
CA GLY G 121 -32.39 15.23 -11.22
C GLY G 121 -31.86 13.78 -11.35
N ILE G 122 -30.69 13.59 -11.98
CA ILE G 122 -29.99 12.29 -11.91
C ILE G 122 -28.87 12.25 -10.84
N LEU G 123 -29.01 11.38 -9.85
CA LEU G 123 -28.00 11.21 -8.83
C LEU G 123 -26.88 10.32 -9.35
N THR G 124 -25.64 10.77 -9.17
CA THR G 124 -24.47 9.94 -9.48
C THR G 124 -23.63 9.70 -8.24
N LEU G 125 -23.25 8.46 -8.03
CA LEU G 125 -22.24 8.13 -7.05
C LEU G 125 -21.06 7.54 -7.78
N GLU G 126 -19.95 8.25 -7.81
CA GLU G 126 -18.72 7.69 -8.37
C GLU G 126 -17.82 7.15 -7.25
N ILE G 127 -17.13 6.06 -7.54
CA ILE G 127 -16.27 5.39 -6.56
C ILE G 127 -14.81 5.34 -7.02
N SER G 128 -13.90 5.39 -6.06
CA SER G 128 -12.45 5.35 -6.32
C SER G 128 -11.96 3.93 -6.60
N ARG G 129 -12.59 2.94 -5.99
CA ARG G 129 -12.30 1.54 -6.27
C ARG G 129 -13.60 0.72 -6.24
N SER G 130 -13.60 -0.44 -6.87
CA SER G 130 -14.76 -1.32 -6.83
C SER G 130 -15.00 -1.77 -5.39
N LEU G 131 -16.26 -1.74 -4.98
CA LEU G 131 -16.62 -2.12 -3.64
C LEU G 131 -17.45 -3.40 -3.67
N PRO G 132 -16.92 -4.51 -3.10
CA PRO G 132 -17.68 -5.76 -2.99
C PRO G 132 -18.93 -5.58 -2.10
N GLU G 133 -18.83 -4.69 -1.12
CA GLU G 133 -19.98 -4.23 -0.35
C GLU G 133 -19.82 -2.77 -0.03
N VAL G 134 -20.85 -1.98 -0.29
CA VAL G 134 -20.83 -0.56 0.00
C VAL G 134 -20.88 -0.23 1.51
N GLY G 135 -21.89 -0.72 2.20
CA GLY G 135 -22.06 -0.45 3.62
C GLY G 135 -22.71 0.89 3.84
N SER G 136 -22.35 1.52 4.95
CA SER G 136 -22.90 2.83 5.26
C SER G 136 -21.79 3.91 5.41
N GLY G 137 -22.16 5.14 5.05
CA GLY G 137 -21.32 6.29 5.35
C GLY G 137 -22.11 7.59 5.36
N SER G 138 -21.47 8.65 5.81
CA SER G 138 -22.11 9.94 5.82
C SER G 138 -21.13 11.06 5.40
N SER G 139 -21.70 12.14 4.91
CA SER G 139 -20.94 13.29 4.48
C SER G 139 -21.71 14.52 4.91
N PHE G 140 -21.06 15.49 5.52
CA PHE G 140 -21.77 16.67 5.95
C PHE G 140 -20.96 17.93 5.72
N TYR G 141 -21.63 19.07 5.76
CA TYR G 141 -20.94 20.33 5.87
C TYR G 141 -21.61 21.29 6.84
N LEU G 142 -20.84 22.22 7.37
CA LEU G 142 -21.34 23.24 8.29
C LEU G 142 -21.22 24.59 7.64
N THR G 143 -22.24 25.42 7.78
CA THR G 143 -22.23 26.73 7.14
C THR G 143 -22.84 27.83 8.02
N GLU G 144 -22.40 29.07 7.81
CA GLU G 144 -22.88 30.21 8.60
C GLU G 144 -23.76 31.16 7.77
N THR H 40 -29.89 15.91 24.24
CA THR H 40 -28.82 16.89 23.84
C THR H 40 -28.72 18.00 24.88
N SER H 41 -27.65 17.99 25.64
CA SER H 41 -27.45 19.06 26.62
C SER H 41 -26.37 20.11 26.18
N LEU H 42 -26.01 20.12 24.89
CA LEU H 42 -24.98 21.05 24.38
C LEU H 42 -24.74 20.94 22.87
N ASP H 43 -24.58 22.10 22.24
CA ASP H 43 -24.17 22.21 20.84
C ASP H 43 -23.42 23.52 20.57
N ILE H 44 -22.08 23.46 20.57
CA ILE H 44 -21.28 24.60 20.14
C ILE H 44 -20.96 24.39 18.66
N ALA H 45 -20.89 25.47 17.90
CA ALA H 45 -20.35 25.42 16.54
C ALA H 45 -19.45 26.61 16.34
N GLU H 46 -18.30 26.44 15.69
CA GLU H 46 -17.53 27.60 15.27
C GLU H 46 -16.64 27.36 14.10
N GLU H 47 -16.28 28.45 13.42
CA GLU H 47 -15.35 28.41 12.32
C GLU H 47 -14.02 28.93 12.81
N LEU H 48 -12.95 28.22 12.47
CA LEU H 48 -11.60 28.55 12.83
C LEU H 48 -10.78 28.76 11.57
N GLN H 49 -9.80 29.65 11.64
CA GLN H 49 -9.02 29.96 10.46
C GLN H 49 -7.58 30.11 10.85
N ASN H 50 -6.67 29.57 10.03
CA ASN H 50 -5.26 29.73 10.32
C ASN H 50 -4.76 30.90 9.49
N ASP H 51 -3.48 31.22 9.63
CA ASP H 51 -2.90 32.40 9.01
C ASP H 51 -2.82 32.35 7.47
N LYS H 52 -3.00 31.19 6.84
CA LYS H 52 -2.98 31.04 5.36
C LYS H 52 -4.37 30.99 4.76
N GLY H 53 -5.40 31.17 5.60
CA GLY H 53 -6.80 31.06 5.19
C GLY H 53 -7.37 29.67 4.96
N VAL H 54 -6.83 28.63 5.58
CA VAL H 54 -7.54 27.36 5.66
C VAL H 54 -8.65 27.54 6.74
N SER H 55 -9.88 27.18 6.40
CA SER H 55 -10.99 27.30 7.32
C SER H 55 -11.48 25.95 7.70
N PHE H 56 -11.76 25.79 8.99
CA PHE H 56 -12.38 24.60 9.53
C PHE H 56 -13.61 25.03 10.28
N ALA H 57 -14.69 24.27 10.13
CA ALA H 57 -15.85 24.42 10.98
C ALA H 57 -15.86 23.24 11.93
N PHE H 58 -16.07 23.50 13.21
CA PHE H 58 -16.22 22.43 14.20
C PHE H 58 -17.58 22.48 14.87
N GLN H 59 -18.14 21.32 15.17
CA GLN H 59 -19.31 21.27 16.01
C GLN H 59 -19.06 20.30 17.15
N ALA H 60 -19.28 20.76 18.37
CA ALA H 60 -19.12 19.92 19.54
C ALA H 60 -20.52 19.63 20.04
N ARG H 61 -20.79 18.39 20.39
CA ARG H 61 -22.09 18.00 20.84
C ARG H 61 -21.97 17.10 22.09
N GLU H 62 -22.83 17.33 23.07
CA GLU H 62 -22.92 16.42 24.20
C GLU H 62 -24.36 15.91 24.30
N GLU H 63 -24.49 14.63 24.63
CA GLU H 63 -25.78 13.96 24.72
C GLU H 63 -25.83 13.06 25.93
N GLU H 64 -26.96 13.07 26.63
CA GLU H 64 -27.11 12.22 27.78
C GLU H 64 -27.99 11.01 27.47
N LEU H 65 -27.54 9.83 27.87
CA LEU H 65 -28.23 8.59 27.52
C LEU H 65 -28.33 7.74 28.77
N GLY H 66 -29.25 8.12 29.67
CA GLY H 66 -29.36 7.47 30.97
C GLY H 66 -28.03 7.58 31.71
N ALA H 67 -27.41 6.43 32.00
CA ALA H 67 -26.15 6.37 32.77
C ALA H 67 -24.93 6.95 32.01
N PHE H 68 -25.05 7.09 30.68
CA PHE H 68 -23.91 7.45 29.83
C PHE H 68 -24.01 8.85 29.25
N THR H 69 -22.84 9.43 29.01
CA THR H 69 -22.70 10.65 28.19
C THR H 69 -21.91 10.36 26.91
N LYS H 70 -22.31 11.00 25.82
CA LYS H 70 -21.61 10.91 24.57
C LYS H 70 -21.16 12.29 24.18
N ARG H 71 -19.88 12.41 23.84
CA ARG H 71 -19.36 13.66 23.31
C ARG H 71 -18.81 13.45 21.93
N THR H 72 -19.33 14.21 20.98
CA THR H 72 -18.92 14.13 19.60
C THR H 72 -18.32 15.42 19.08
N LEU H 73 -17.16 15.30 18.48
CA LEU H 73 -16.61 16.35 17.65
C LEU H 73 -16.92 16.10 16.16
N PHE H 74 -17.46 17.10 15.48
CA PHE H 74 -17.68 17.07 14.04
C PHE H 74 -16.74 18.09 13.42
N ALA H 75 -16.08 17.75 12.30
CA ALA H 75 -15.19 18.67 11.65
C ALA H 75 -15.43 18.70 10.14
N TYR H 76 -15.43 19.89 9.56
CA TYR H 76 -15.52 20.02 8.13
C TYR H 76 -14.52 21.06 7.62
N SER H 77 -13.89 20.78 6.49
CA SER H 77 -13.14 21.79 5.73
C SER H 77 -13.18 21.46 4.23
N GLY H 78 -13.43 22.49 3.44
CA GLY H 78 -13.38 22.37 1.98
C GLY H 78 -11.95 22.48 1.45
N ASP H 79 -11.05 23.01 2.28
CA ASP H 79 -9.66 23.23 1.88
C ASP H 79 -8.81 21.96 1.90
N GLY H 80 -7.64 22.04 1.28
CA GLY H 80 -6.63 20.99 1.37
C GLY H 80 -5.65 21.34 2.47
N LEU H 81 -4.85 20.37 2.90
CA LEU H 81 -4.02 20.57 4.08
C LEU H 81 -2.75 19.78 3.97
N THR H 82 -1.62 20.42 4.16
CA THR H 82 -0.37 19.69 4.02
C THR H 82 0.30 19.47 5.37
N GLY H 83 0.45 20.54 6.16
CA GLY H 83 0.99 20.44 7.50
C GLY H 83 -0.12 20.52 8.54
N PRO H 84 0.24 20.68 9.81
CA PRO H 84 -0.76 20.79 10.87
C PRO H 84 -1.60 22.06 10.70
N PHE H 85 -2.80 22.05 11.24
CA PHE H 85 -3.67 23.20 11.27
C PHE H 85 -3.70 23.72 12.71
N LYS H 86 -3.24 24.96 12.89
CA LYS H 86 -3.26 25.63 14.21
C LYS H 86 -4.07 26.86 14.14
N ALA H 87 -4.99 27.02 15.10
CA ALA H 87 -5.88 28.19 15.17
C ALA H 87 -6.41 28.38 16.60
N PRO H 88 -6.60 29.65 17.01
CA PRO H 88 -7.08 29.84 18.40
C PRO H 88 -8.55 29.46 18.52
N ALA H 89 -8.92 28.81 19.61
CA ALA H 89 -10.32 28.37 19.82
C ALA H 89 -11.00 29.19 20.92
N SER H 90 -12.34 29.22 20.88
CA SER H 90 -13.11 29.83 21.97
C SER H 90 -12.86 29.00 23.25
N ALA H 91 -13.22 29.54 24.42
CA ALA H 91 -12.94 28.84 25.68
C ALA H 91 -13.85 27.63 25.85
N GLU H 92 -15.05 27.72 25.28
CA GLU H 92 -16.04 26.65 25.39
C GLU H 92 -15.52 25.42 24.67
N LEU H 93 -15.02 25.63 23.45
CA LEU H 93 -14.47 24.56 22.63
C LEU H 93 -13.25 23.97 23.27
N SER H 94 -12.32 24.81 23.74
CA SER H 94 -11.13 24.33 24.40
C SER H 94 -11.53 23.42 25.54
N SER H 95 -12.58 23.82 26.24
CA SER H 95 -13.02 23.14 27.42
C SER H 95 -13.54 21.76 27.05
N PHE H 96 -14.37 21.74 26.02
CA PHE H 96 -14.91 20.51 25.48
C PHE H 96 -13.80 19.54 25.06
N LEU H 97 -12.87 20.05 24.25
CA LEU H 97 -11.83 19.24 23.69
C LEU H 97 -10.88 18.63 24.71
N THR H 98 -10.77 19.28 25.86
CA THR H 98 -9.85 18.87 26.92
C THR H 98 -10.45 17.73 27.69
N ALA H 99 -11.77 17.65 27.69
CA ALA H 99 -12.49 16.63 28.44
C ALA H 99 -12.25 15.17 27.98
N HIS H 100 -11.77 14.95 26.75
CA HIS H 100 -11.50 13.60 26.21
C HIS H 100 -10.53 12.77 27.10
N PRO H 101 -10.90 11.52 27.43
CA PRO H 101 -10.07 10.67 28.28
C PRO H 101 -8.65 10.48 27.79
N LYS H 102 -8.39 10.70 26.51
CA LYS H 102 -7.03 10.55 25.98
C LYS H 102 -6.38 11.87 25.75
N GLY H 103 -7.11 12.94 26.02
CA GLY H 103 -6.57 14.29 25.83
C GLY H 103 -6.42 14.68 24.38
N ARG H 104 -7.08 13.92 23.50
CA ARG H 104 -7.07 14.21 22.08
C ARG H 104 -8.05 13.33 21.29
N TRP H 105 -8.47 13.85 20.14
CA TRP H 105 -9.55 13.27 19.35
C TRP H 105 -9.01 12.68 18.02
N LEU H 106 -8.92 11.35 17.95
CA LEU H 106 -8.56 10.64 16.74
C LEU H 106 -9.75 10.70 15.81
N ILE H 107 -9.55 11.23 14.62
CA ILE H 107 -10.66 11.50 13.73
C ILE H 107 -10.36 11.04 12.29
N ALA H 108 -11.33 10.37 11.66
CA ALA H 108 -11.17 9.80 10.32
C ALA H 108 -11.84 10.68 9.25
N PHE H 109 -11.06 11.17 8.31
CA PHE H 109 -11.57 11.89 7.18
C PHE H 109 -11.60 10.96 5.97
N PRO H 110 -12.33 11.30 4.91
CA PRO H 110 -12.39 10.38 3.79
C PRO H 110 -11.02 9.93 3.24
N LEU H 111 -10.02 10.83 3.20
CA LEU H 111 -8.71 10.51 2.60
C LEU H 111 -7.55 10.26 3.57
N GLY H 112 -7.83 10.33 4.88
CA GLY H 112 -6.81 10.20 5.88
C GLY H 112 -7.24 10.47 7.29
N THR H 113 -6.31 10.25 8.21
CA THR H 113 -6.59 10.29 9.63
C THR H 113 -5.95 11.52 10.30
N GLY H 114 -6.67 12.10 11.24
CA GLY H 114 -6.14 13.22 12.01
C GLY H 114 -6.22 13.06 13.52
N ILE H 115 -5.50 13.91 14.24
CA ILE H 115 -5.60 14.00 15.68
C ILE H 115 -5.93 15.46 16.01
N VAL H 116 -6.99 15.67 16.75
CA VAL H 116 -7.31 17.01 17.22
C VAL H 116 -6.97 17.11 18.69
N SER H 117 -6.25 18.15 19.05
CA SER H 117 -5.95 18.42 20.44
C SER H 117 -5.95 19.92 20.67
N VAL H 118 -6.06 20.31 21.93
CA VAL H 118 -6.02 21.71 22.28
C VAL H 118 -4.99 21.93 23.37
N ASP H 119 -4.26 23.03 23.24
CA ASP H 119 -3.26 23.39 24.23
C ASP H 119 -3.19 24.90 24.34
N GLU H 120 -3.57 25.41 25.52
CA GLU H 120 -3.49 26.86 25.83
C GLU H 120 -4.48 27.65 24.96
N GLY H 121 -5.62 27.05 24.65
CA GLY H 121 -6.60 27.68 23.75
C GLY H 121 -6.21 27.68 22.28
N ILE H 122 -5.10 27.01 21.95
CA ILE H 122 -4.74 26.78 20.55
C ILE H 122 -5.21 25.39 20.13
N LEU H 123 -6.06 25.33 19.12
CA LEU H 123 -6.46 24.06 18.53
C LEU H 123 -5.43 23.56 17.49
N THR H 124 -5.02 22.30 17.62
CA THR H 124 -4.14 21.70 16.61
C THR H 124 -4.76 20.46 15.99
N LEU H 125 -4.75 20.43 14.67
CA LEU H 125 -5.13 19.25 13.94
C LEU H 125 -3.90 18.74 13.17
N GLU H 126 -3.36 17.61 13.62
CA GLU H 126 -2.27 16.94 12.92
C GLU H 126 -2.81 15.86 11.99
N ILE H 127 -2.17 15.66 10.86
CA ILE H 127 -2.62 14.69 9.87
C ILE H 127 -1.53 13.68 9.56
N SER H 128 -1.94 12.47 9.22
CA SER H 128 -1.02 11.36 8.92
C SER H 128 -0.42 11.43 7.49
N ARG H 129 -1.15 12.09 6.59
CA ARG H 129 -0.71 12.33 5.23
C ARG H 129 -1.32 13.63 4.77
N SER H 130 -0.72 14.25 3.74
CA SER H 130 -1.31 15.45 3.15
C SER H 130 -2.63 15.11 2.54
N LEU H 131 -3.60 16.00 2.76
CA LEU H 131 -4.93 15.82 2.22
C LEU H 131 -5.22 16.92 1.21
N PRO H 132 -5.35 16.57 -0.07
CA PRO H 132 -5.79 17.53 -1.11
C PRO H 132 -7.17 18.13 -0.80
N GLU H 133 -8.02 17.35 -0.14
CA GLU H 133 -9.27 17.85 0.44
C GLU H 133 -9.53 17.13 1.76
N VAL H 134 -9.91 17.90 2.77
CA VAL H 134 -10.18 17.34 4.06
C VAL H 134 -11.55 16.65 4.13
N GLY H 135 -12.61 17.35 3.70
CA GLY H 135 -13.97 16.79 3.79
C GLY H 135 -14.51 16.83 5.22
N SER H 136 -15.31 15.84 5.57
CA SER H 136 -15.95 15.80 6.88
C SER H 136 -15.60 14.53 7.63
N GLY H 137 -15.59 14.62 8.94
CA GLY H 137 -15.44 13.49 9.81
C GLY H 137 -15.94 13.81 11.21
N SER H 138 -16.12 12.77 12.00
CA SER H 138 -16.44 12.95 13.39
C SER H 138 -15.64 11.98 14.28
N SER H 139 -15.56 12.32 15.55
CA SER H 139 -14.89 11.53 16.55
C SER H 139 -15.75 11.67 17.80
N PHE H 140 -15.99 10.56 18.48
CA PHE H 140 -16.72 10.61 19.72
C PHE H 140 -16.16 9.70 20.81
N TYR H 141 -16.59 9.92 22.04
CA TYR H 141 -16.43 8.94 23.07
C TYR H 141 -17.65 8.81 23.98
N LEU H 142 -17.78 7.67 24.62
CA LEU H 142 -18.86 7.40 25.51
C LEU H 142 -18.28 7.16 26.89
N THR H 143 -18.94 7.73 27.91
CA THR H 143 -18.48 7.65 29.28
C THR H 143 -19.60 7.50 30.34
N GLU H 144 -19.24 6.90 31.46
CA GLU H 144 -20.19 6.65 32.54
C GLU H 144 -19.83 7.50 33.73
N THR I 40 -36.67 9.75 17.23
CA THR I 40 -35.88 8.75 18.02
C THR I 40 -36.82 7.91 18.84
N SER I 41 -36.97 6.64 18.46
CA SER I 41 -37.80 5.71 19.26
C SER I 41 -36.97 4.70 20.12
N LEU I 42 -35.66 4.96 20.30
CA LEU I 42 -34.81 4.05 21.10
C LEU I 42 -33.38 4.55 21.22
N ASP I 43 -32.80 4.31 22.40
CA ASP I 43 -31.39 4.56 22.70
C ASP I 43 -30.89 3.67 23.82
N ILE I 44 -30.24 2.57 23.48
CA ILE I 44 -29.59 1.74 24.49
C ILE I 44 -28.13 2.15 24.51
N ALA I 45 -27.50 2.10 25.68
CA ALA I 45 -26.04 2.26 25.77
C ALA I 45 -25.49 1.28 26.79
N GLU I 46 -24.36 0.66 26.50
CA GLU I 46 -23.72 -0.18 27.50
C GLU I 46 -22.26 -0.37 27.32
N GLU I 47 -21.60 -0.67 28.42
CA GLU I 47 -20.20 -0.99 28.39
C GLU I 47 -20.04 -2.52 28.44
N LEU I 48 -19.19 -3.05 27.58
CA LEU I 48 -18.85 -4.45 27.55
C LEU I 48 -17.37 -4.62 27.81
N GLN I 49 -17.01 -5.73 28.42
CA GLN I 49 -15.64 -5.96 28.76
C GLN I 49 -15.32 -7.42 28.54
N ASN I 50 -14.17 -7.69 27.91
CA ASN I 50 -13.72 -9.06 27.71
C ASN I 50 -12.77 -9.52 28.83
N ASP I 51 -12.42 -10.81 28.85
CA ASP I 51 -11.58 -11.38 29.93
C ASP I 51 -10.21 -10.69 30.17
N LYS I 52 -9.67 -9.99 29.16
CA LYS I 52 -8.39 -9.25 29.27
C LYS I 52 -8.54 -7.75 29.56
N GLY I 53 -9.68 -7.34 30.13
CA GLY I 53 -9.97 -5.92 30.42
C GLY I 53 -9.78 -4.99 29.23
N VAL I 54 -10.45 -5.31 28.13
CA VAL I 54 -10.59 -4.38 27.04
C VAL I 54 -12.04 -3.94 27.14
N SER I 55 -12.27 -2.64 27.15
CA SER I 55 -13.63 -2.15 27.28
C SER I 55 -14.14 -1.51 26.01
N PHE I 56 -15.35 -1.89 25.65
CA PHE I 56 -16.07 -1.22 24.58
C PHE I 56 -17.33 -0.61 25.10
N ALA I 57 -17.61 0.61 24.68
CA ALA I 57 -18.91 1.17 24.91
C ALA I 57 -19.69 1.10 23.61
N PHE I 58 -20.94 0.66 23.66
CA PHE I 58 -21.80 0.66 22.47
C PHE I 58 -23.03 1.49 22.69
N GLN I 59 -23.50 2.17 21.66
CA GLN I 59 -24.78 2.82 21.71
C GLN I 59 -25.58 2.38 20.50
N ALA I 60 -26.80 1.92 20.73
CA ALA I 60 -27.71 1.52 19.67
C ALA I 60 -28.78 2.57 19.60
N ARG I 61 -29.14 2.97 18.39
CA ARG I 61 -30.16 3.98 18.23
C ARG I 61 -31.10 3.62 17.10
N GLU I 62 -32.39 3.87 17.30
CA GLU I 62 -33.38 3.67 16.25
C GLU I 62 -34.09 4.97 16.04
N GLU I 63 -34.39 5.29 14.79
CA GLU I 63 -35.01 6.56 14.41
C GLU I 63 -36.06 6.32 13.34
N GLU I 64 -37.17 7.03 13.43
CA GLU I 64 -38.19 6.86 12.43
C GLU I 64 -38.26 8.10 11.55
N LEU I 65 -38.27 7.88 10.24
CA LEU I 65 -38.22 8.97 9.24
C LEU I 65 -39.34 8.76 8.22
N GLY I 66 -40.58 9.05 8.61
CA GLY I 66 -41.74 8.75 7.76
C GLY I 66 -41.78 7.26 7.41
N ALA I 67 -41.65 6.94 6.12
CA ALA I 67 -41.71 5.55 5.66
C ALA I 67 -40.52 4.69 6.13
N PHE I 68 -39.42 5.33 6.56
CA PHE I 68 -38.16 4.60 6.79
C PHE I 68 -37.78 4.53 8.25
N THR I 69 -37.02 3.50 8.58
CA THR I 69 -36.34 3.41 9.89
C THR I 69 -34.83 3.36 9.68
N LYS I 70 -34.12 4.03 10.58
CA LYS I 70 -32.68 3.96 10.57
C LYS I 70 -32.21 3.34 11.86
N ARG I 71 -31.30 2.38 11.76
CA ARG I 71 -30.72 1.82 12.99
C ARG I 71 -29.23 2.01 12.97
N THR I 72 -28.69 2.68 13.98
CA THR I 72 -27.28 2.96 14.06
C THR I 72 -26.63 2.33 15.27
N LEU I 73 -25.49 1.68 15.03
CA LEU I 73 -24.61 1.20 16.07
C LEU I 73 -23.42 2.15 16.20
N PHE I 74 -23.13 2.59 17.41
CA PHE I 74 -21.98 3.42 17.68
C PHE I 74 -21.03 2.63 18.56
N ALA I 75 -19.76 2.63 18.27
CA ALA I 75 -18.80 1.93 19.13
C ALA I 75 -17.60 2.77 19.48
N TYR I 76 -17.17 2.69 20.73
CA TYR I 76 -15.99 3.36 21.18
C TYR I 76 -15.16 2.44 22.06
N SER I 77 -13.84 2.46 21.85
CA SER I 77 -12.89 1.92 22.82
C SER I 77 -11.61 2.70 22.82
N GLY I 78 -11.10 2.97 24.02
CA GLY I 78 -9.78 3.58 24.18
C GLY I 78 -8.63 2.59 24.13
N ASP I 79 -8.98 1.31 24.21
CA ASP I 79 -7.98 0.20 24.19
C ASP I 79 -7.51 -0.19 22.78
N GLY I 80 -6.40 -0.90 22.72
CA GLY I 80 -5.94 -1.49 21.46
C GLY I 80 -6.47 -2.91 21.39
N LEU I 81 -6.38 -3.53 20.23
CA LEU I 81 -7.03 -4.82 19.99
C LEU I 81 -6.27 -5.63 18.96
N THR I 82 -5.92 -6.85 19.28
CA THR I 82 -5.16 -7.65 18.34
C THR I 82 -6.00 -8.78 17.77
N GLY I 83 -6.72 -9.50 18.62
CA GLY I 83 -7.63 -10.54 18.16
C GLY I 83 -9.08 -10.06 18.19
N PRO I 84 -10.04 -10.99 18.06
CA PRO I 84 -11.46 -10.62 18.16
C PRO I 84 -11.82 -10.19 19.57
N PHE I 85 -12.87 -9.40 19.70
CA PHE I 85 -13.34 -9.01 21.00
C PHE I 85 -14.61 -9.76 21.23
N LYS I 86 -14.66 -10.58 22.29
CA LYS I 86 -15.88 -11.33 22.67
C LYS I 86 -16.35 -10.95 24.05
N ALA I 87 -17.64 -10.64 24.19
CA ALA I 87 -18.20 -10.24 25.48
C ALA I 87 -19.72 -10.49 25.51
N PRO I 88 -20.26 -10.85 26.71
CA PRO I 88 -21.71 -11.09 26.73
C PRO I 88 -22.47 -9.77 26.63
N ALA I 89 -23.57 -9.75 25.87
CA ALA I 89 -24.39 -8.54 25.73
C ALA I 89 -25.73 -8.67 26.47
N SER I 90 -26.35 -7.54 26.77
CA SER I 90 -27.72 -7.55 27.30
C SER I 90 -28.64 -8.07 26.21
N ALA I 91 -29.88 -8.44 26.57
CA ALA I 91 -30.82 -9.03 25.63
C ALA I 91 -31.34 -7.99 24.67
N GLU I 92 -31.36 -6.74 25.12
CA GLU I 92 -31.83 -5.62 24.29
C GLU I 92 -30.86 -5.36 23.15
N LEU I 93 -29.57 -5.38 23.48
CA LEU I 93 -28.53 -5.19 22.47
C LEU I 93 -28.47 -6.35 21.49
N SER I 94 -28.48 -7.57 21.99
CA SER I 94 -28.50 -8.77 21.13
C SER I 94 -29.63 -8.69 20.15
N SER I 95 -30.75 -8.16 20.61
CA SER I 95 -31.96 -8.09 19.85
C SER I 95 -31.81 -7.07 18.74
N PHE I 96 -31.34 -5.89 19.10
CA PHE I 96 -30.99 -4.85 18.15
C PHE I 96 -29.97 -5.32 17.08
N LEU I 97 -28.88 -5.96 17.52
CA LEU I 97 -27.82 -6.38 16.62
C LEU I 97 -28.21 -7.47 15.64
N THR I 98 -29.18 -8.28 16.05
CA THR I 98 -29.71 -9.35 15.21
C THR I 98 -30.61 -8.82 14.09
N ALA I 99 -31.20 -7.65 14.30
CA ALA I 99 -32.12 -7.06 13.34
C ALA I 99 -31.51 -6.72 11.95
N HIS I 100 -30.18 -6.56 11.88
CA HIS I 100 -29.51 -6.13 10.65
C HIS I 100 -29.76 -7.11 9.49
N PRO I 101 -30.19 -6.59 8.32
CA PRO I 101 -30.45 -7.41 7.13
C PRO I 101 -29.31 -8.34 6.69
N LYS I 102 -28.08 -8.09 7.14
CA LYS I 102 -26.98 -8.99 6.79
C LYS I 102 -26.56 -9.86 7.97
N GLY I 103 -27.21 -9.66 9.11
CA GLY I 103 -26.89 -10.42 10.30
C GLY I 103 -25.54 -10.03 10.91
N ARG I 104 -25.01 -8.87 10.50
CA ARG I 104 -23.81 -8.31 11.09
C ARG I 104 -23.52 -6.89 10.61
N TRP I 105 -22.70 -6.20 11.39
CA TRP I 105 -22.51 -4.78 11.24
C TRP I 105 -21.09 -4.43 10.82
N LEU I 106 -20.93 -4.08 9.54
CA LEU I 106 -19.64 -3.62 9.01
C LEU I 106 -19.41 -2.21 9.51
N ILE I 107 -18.32 -2.01 10.23
CA ILE I 107 -18.04 -0.75 10.89
C ILE I 107 -16.57 -0.26 10.64
N ALA I 108 -16.42 0.99 10.24
CA ALA I 108 -15.11 1.61 9.96
C ALA I 108 -14.61 2.39 11.18
N PHE I 109 -13.43 2.01 11.65
CA PHE I 109 -12.74 2.74 12.70
C PHE I 109 -11.60 3.54 12.05
N PRO I 110 -11.05 4.53 12.75
CA PRO I 110 -10.05 5.34 12.07
C PRO I 110 -8.89 4.52 11.49
N LEU I 111 -8.47 3.44 12.16
CA LEU I 111 -7.27 2.70 11.68
C LEU I 111 -7.57 1.36 11.04
N GLY I 112 -8.84 0.95 11.00
CA GLY I 112 -9.17 -0.30 10.33
C GLY I 112 -10.64 -0.60 10.33
N THR I 113 -10.99 -1.73 9.73
CA THR I 113 -12.37 -2.12 9.59
C THR I 113 -12.76 -3.32 10.51
N GLY I 114 -13.96 -3.28 11.08
CA GLY I 114 -14.46 -4.39 11.89
C GLY I 114 -15.82 -4.89 11.44
N ILE I 115 -16.15 -6.09 11.92
CA ILE I 115 -17.51 -6.65 11.77
C ILE I 115 -18.04 -6.93 13.16
N VAL I 116 -19.18 -6.36 13.49
CA VAL I 116 -19.86 -6.70 14.74
C VAL I 116 -21.01 -7.66 14.47
N SER I 117 -21.03 -8.75 15.24
CA SER I 117 -22.14 -9.69 15.16
C SER I 117 -22.47 -10.20 16.55
N VAL I 118 -23.65 -10.79 16.70
CA VAL I 118 -24.03 -11.38 17.96
C VAL I 118 -24.50 -12.80 17.73
N ASP I 119 -24.17 -13.66 18.69
CA ASP I 119 -24.57 -15.05 18.61
C ASP I 119 -24.75 -15.58 20.02
N GLU I 120 -25.98 -15.96 20.35
CA GLU I 120 -26.31 -16.57 21.64
C GLU I 120 -26.07 -15.59 22.80
N GLY I 121 -26.35 -14.32 22.55
CA GLY I 121 -26.03 -13.25 23.53
C GLY I 121 -24.55 -12.94 23.74
N ILE I 122 -23.66 -13.55 22.94
CA ILE I 122 -22.23 -13.17 22.89
C ILE I 122 -21.98 -12.23 21.71
N LEU I 123 -21.54 -11.02 22.02
CA LEU I 123 -21.12 -10.06 21.00
C LEU I 123 -19.69 -10.35 20.56
N THR I 124 -19.51 -10.42 19.23
CA THR I 124 -18.16 -10.53 18.64
C THR I 124 -17.84 -9.33 17.76
N LEU I 125 -16.67 -8.76 17.99
CA LEU I 125 -16.10 -7.80 17.05
C LEU I 125 -14.85 -8.39 16.42
N GLU I 126 -14.92 -8.70 15.13
CA GLU I 126 -13.75 -9.13 14.40
C GLU I 126 -13.10 -7.98 13.66
N ILE I 127 -11.77 -7.99 13.58
CA ILE I 127 -11.02 -6.92 12.95
C ILE I 127 -10.13 -7.42 11.80
N SER I 128 -10.01 -6.58 10.78
CA SER I 128 -9.21 -6.88 9.58
C SER I 128 -7.70 -6.81 9.85
N ARG I 129 -7.29 -5.91 10.74
CA ARG I 129 -5.88 -5.78 11.13
C ARG I 129 -5.82 -5.45 12.62
N SER I 130 -4.68 -5.68 13.27
CA SER I 130 -4.54 -5.27 14.67
C SER I 130 -4.62 -3.76 14.79
N LEU I 131 -5.29 -3.30 15.84
CA LEU I 131 -5.50 -1.88 16.02
C LEU I 131 -4.85 -1.47 17.32
N PRO I 132 -3.76 -0.68 17.24
CA PRO I 132 -3.12 -0.15 18.45
C PRO I 132 -4.06 0.75 19.29
N GLU I 133 -5.00 1.43 18.60
CA GLU I 133 -6.14 2.08 19.22
C GLU I 133 -7.38 1.91 18.36
N VAL I 134 -8.50 1.54 18.97
CA VAL I 134 -9.73 1.36 18.23
C VAL I 134 -10.39 2.70 17.82
N GLY I 135 -10.65 3.58 18.80
CA GLY I 135 -11.26 4.85 18.55
C GLY I 135 -12.76 4.70 18.46
N SER I 136 -13.39 5.53 17.65
CA SER I 136 -14.82 5.49 17.52
C SER I 136 -15.25 5.23 16.10
N GLY I 137 -16.39 4.58 15.94
CA GLY I 137 -16.98 4.41 14.64
C GLY I 137 -18.45 4.13 14.75
N SER I 138 -19.13 4.22 13.63
CA SER I 138 -20.53 3.87 13.57
C SER I 138 -20.86 3.09 12.29
N SER I 139 -21.95 2.34 12.37
CA SER I 139 -22.48 1.55 11.30
C SER I 139 -24.00 1.67 11.35
N PHE I 140 -24.63 1.95 10.22
CA PHE I 140 -26.07 2.03 10.21
C PHE I 140 -26.69 1.33 8.99
N TYR I 141 -27.99 1.06 9.06
CA TYR I 141 -28.77 0.76 7.86
C TYR I 141 -30.11 1.47 7.86
N LEU I 142 -30.64 1.68 6.67
CA LEU I 142 -31.98 2.27 6.49
C LEU I 142 -32.89 1.22 5.91
N THR I 143 -34.14 1.18 6.38
CA THR I 143 -35.10 0.15 5.92
C THR I 143 -36.52 0.70 5.78
N GLU I 144 -37.29 0.06 4.89
CA GLU I 144 -38.70 0.47 4.66
C GLU I 144 -39.68 -0.58 5.18
N THR J 40 -4.11 15.52 -38.23
CA THR J 40 -4.22 16.59 -37.17
C THR J 40 -5.05 17.78 -37.68
N SER J 41 -6.25 17.95 -37.14
CA SER J 41 -7.09 19.09 -37.51
C SER J 41 -7.15 20.19 -36.40
N LEU J 42 -6.22 20.13 -35.43
CA LEU J 42 -6.20 21.11 -34.31
C LEU J 42 -5.03 20.88 -33.34
N ASP J 43 -4.47 22.00 -32.87
CA ASP J 43 -3.46 22.01 -31.81
C ASP J 43 -3.45 23.34 -31.06
N ILE J 44 -4.20 23.44 -29.97
CA ILE J 44 -4.08 24.56 -29.05
C ILE J 44 -3.00 24.22 -28.00
N ALA J 45 -2.26 25.24 -27.57
CA ALA J 45 -1.39 25.13 -26.41
C ALA J 45 -1.56 26.39 -25.60
N GLU J 46 -1.70 26.26 -24.28
CA GLU J 46 -1.57 27.45 -23.43
C GLU J 46 -1.00 27.18 -22.03
N GLU J 47 -0.49 28.24 -21.42
CA GLU J 47 -0.02 28.22 -20.06
C GLU J 47 -1.11 28.84 -19.19
N LEU J 48 -1.40 28.21 -18.06
CA LEU J 48 -2.34 28.70 -17.09
C LEU J 48 -1.64 28.86 -15.76
N GLN J 49 -2.11 29.78 -14.95
CA GLN J 49 -1.47 30.08 -13.71
C GLN J 49 -2.54 30.41 -12.68
N ASN J 50 -2.37 29.98 -11.44
CA ASN J 50 -3.39 30.27 -10.45
C ASN J 50 -3.01 31.54 -9.71
N ASP J 51 -3.80 31.89 -8.71
CA ASP J 51 -3.57 33.09 -7.91
C ASP J 51 -2.25 33.04 -7.16
N LYS J 52 -1.79 31.81 -6.87
CA LYS J 52 -0.58 31.59 -6.09
C LYS J 52 0.63 31.25 -6.97
N GLY J 53 0.55 31.61 -8.26
CA GLY J 53 1.71 31.59 -9.17
C GLY J 53 2.13 30.26 -9.80
N VAL J 54 1.33 29.24 -9.57
CA VAL J 54 1.61 27.88 -10.03
C VAL J 54 1.21 27.68 -11.51
N SER J 55 2.08 27.05 -12.28
CA SER J 55 1.93 27.08 -13.72
C SER J 55 1.71 25.71 -14.29
N PHE J 56 0.70 25.62 -15.16
CA PHE J 56 0.48 24.44 -15.94
C PHE J 56 0.51 24.83 -17.39
N ALA J 57 1.10 23.98 -18.22
CA ALA J 57 1.00 24.15 -19.65
C ALA J 57 0.11 23.03 -20.17
N PHE J 58 -0.87 23.39 -20.99
CA PHE J 58 -1.76 22.40 -21.62
C PHE J 58 -1.63 22.40 -23.13
N GLN J 59 -1.71 21.22 -23.73
CA GLN J 59 -1.87 21.11 -25.16
C GLN J 59 -3.10 20.26 -25.46
N ALA J 60 -3.98 20.80 -26.31
CA ALA J 60 -5.15 20.08 -26.78
C ALA J 60 -4.87 19.67 -28.21
N ARG J 61 -5.25 18.47 -28.56
CA ARG J 61 -5.00 18.01 -29.92
C ARG J 61 -6.19 17.21 -30.44
N GLU J 62 -6.57 17.47 -31.69
CA GLU J 62 -7.60 16.66 -32.34
C GLU J 62 -7.01 16.02 -33.59
N GLU J 63 -7.41 14.78 -33.83
CA GLU J 63 -6.85 13.98 -34.92
C GLU J 63 -7.98 13.21 -35.59
N GLU J 64 -7.96 13.15 -36.91
CA GLU J 64 -8.98 12.37 -37.62
C GLU J 64 -8.39 11.09 -38.18
N LEU J 65 -9.10 9.97 -37.97
CA LEU J 65 -8.61 8.64 -38.32
C LEU J 65 -9.71 7.90 -39.06
N GLY J 66 -9.97 8.28 -40.30
CA GLY J 66 -11.10 7.72 -41.06
C GLY J 66 -12.40 8.01 -40.33
N ALA J 67 -13.09 6.95 -39.89
CA ALA J 67 -14.37 7.06 -39.19
C ALA J 67 -14.28 7.68 -37.79
N PHE J 68 -13.07 7.69 -37.20
CA PHE J 68 -12.85 8.07 -35.80
C PHE J 68 -12.14 9.42 -35.60
N THR J 69 -12.49 10.10 -34.51
CA THR J 69 -11.72 11.25 -34.02
C THR J 69 -11.06 10.91 -32.69
N LYS J 70 -9.85 11.43 -32.49
CA LYS J 70 -9.15 11.32 -31.22
C LYS J 70 -8.91 12.69 -30.66
N ARG J 71 -9.30 12.92 -29.42
CA ARG J 71 -8.99 14.16 -28.76
C ARG J 71 -8.10 13.89 -27.54
N THR J 72 -6.90 14.50 -27.53
CA THR J 72 -5.92 14.33 -26.46
C THR J 72 -5.63 15.62 -25.72
N LEU J 73 -5.69 15.56 -24.39
CA LEU J 73 -5.20 16.61 -23.55
C LEU J 73 -3.80 16.18 -23.04
N PHE J 74 -2.83 17.10 -23.15
CA PHE J 74 -1.49 16.94 -22.57
C PHE J 74 -1.31 17.98 -21.48
N ALA J 75 -0.69 17.61 -20.37
CA ALA J 75 -0.52 18.55 -19.26
C ALA J 75 0.86 18.41 -18.68
N TYR J 76 1.45 19.55 -18.33
CA TYR J 76 2.74 19.55 -17.73
C TYR J 76 2.79 20.65 -16.70
N SER J 77 3.40 20.33 -15.57
CA SER J 77 3.79 21.36 -14.61
C SER J 77 5.04 20.89 -13.87
N GLY J 78 5.98 21.83 -13.69
CA GLY J 78 7.17 21.60 -12.88
C GLY J 78 6.90 21.77 -11.37
N ASP J 79 5.79 22.43 -11.04
CA ASP J 79 5.43 22.73 -9.66
C ASP J 79 4.82 21.51 -8.90
N GLY J 80 4.75 21.66 -7.59
CA GLY J 80 4.06 20.70 -6.74
C GLY J 80 2.66 21.22 -6.50
N LEU J 81 1.79 20.37 -6.02
CA LEU J 81 0.38 20.70 -5.88
C LEU J 81 -0.23 19.99 -4.68
N THR J 82 -0.86 20.72 -3.78
CA THR J 82 -1.49 20.10 -2.61
C THR J 82 -3.00 20.07 -2.69
N GLY J 83 -3.63 21.19 -3.06
CA GLY J 83 -5.07 21.24 -3.29
C GLY J 83 -5.37 21.25 -4.77
N PRO J 84 -6.62 21.62 -5.14
CA PRO J 84 -7.00 21.73 -6.56
C PRO J 84 -6.31 22.90 -7.24
N PHE J 85 -6.13 22.78 -8.54
CA PHE J 85 -5.63 23.88 -9.36
C PHE J 85 -6.80 24.53 -10.13
N LYS J 86 -7.04 25.81 -9.86
CA LYS J 86 -8.08 26.58 -10.59
C LYS J 86 -7.47 27.74 -11.35
N ALA J 87 -7.78 27.84 -12.64
CA ALA J 87 -7.28 28.96 -13.45
C ALA J 87 -8.26 29.25 -14.59
N PRO J 88 -8.35 30.53 -15.03
CA PRO J 88 -9.25 30.79 -16.17
C PRO J 88 -8.64 30.28 -17.47
N ALA J 89 -9.44 29.66 -18.32
CA ALA J 89 -8.95 29.18 -19.62
C ALA J 89 -9.48 30.05 -20.76
N SER J 90 -8.79 29.99 -21.91
CA SER J 90 -9.29 30.60 -23.13
C SER J 90 -10.60 29.91 -23.51
N ALA J 91 -11.40 30.53 -24.39
CA ALA J 91 -12.66 29.92 -24.85
C ALA J 91 -12.41 28.64 -25.72
N GLU J 92 -11.30 28.61 -26.47
CA GLU J 92 -11.03 27.47 -27.34
C GLU J 92 -10.76 26.22 -26.50
N LEU J 93 -9.97 26.39 -25.42
CA LEU J 93 -9.68 25.28 -24.51
C LEU J 93 -10.95 24.85 -23.76
N SER J 94 -11.71 25.81 -23.21
CA SER J 94 -12.94 25.44 -22.50
C SER J 94 -13.85 24.64 -23.42
N SER J 95 -13.84 25.01 -24.71
CA SER J 95 -14.68 24.37 -25.72
C SER J 95 -14.24 22.92 -25.96
N PHE J 96 -12.94 22.74 -26.16
CA PHE J 96 -12.31 21.43 -26.25
C PHE J 96 -12.56 20.54 -25.01
N LEU J 97 -12.34 21.09 -23.82
CA LEU J 97 -12.50 20.31 -22.59
C LEU J 97 -13.93 19.84 -22.28
N THR J 98 -14.91 20.61 -22.76
CA THR J 98 -16.35 20.32 -22.56
C THR J 98 -16.81 19.19 -23.47
N ALA J 99 -16.14 19.03 -24.61
CA ALA J 99 -16.49 18.00 -25.58
C ALA J 99 -16.38 16.55 -25.09
N HIS J 100 -15.59 16.28 -24.04
CA HIS J 100 -15.43 14.90 -23.51
C HIS J 100 -16.77 14.25 -23.11
N PRO J 101 -17.01 12.99 -23.54
CA PRO J 101 -18.23 12.24 -23.22
C PRO J 101 -18.57 12.12 -21.75
N LYS J 102 -17.58 12.29 -20.87
CA LYS J 102 -17.84 12.21 -19.42
C LYS J 102 -17.83 13.58 -18.80
N GLY J 103 -17.54 14.59 -19.62
CA GLY J 103 -17.56 15.98 -19.16
C GLY J 103 -16.38 16.27 -18.28
N ARG J 104 -15.39 15.36 -18.31
CA ARG J 104 -14.12 15.53 -17.59
C ARG J 104 -13.04 14.53 -18.00
N TRP J 105 -11.80 14.91 -17.75
CA TRP J 105 -10.64 14.19 -18.24
C TRP J 105 -9.85 13.55 -17.12
N LEU J 106 -9.99 12.25 -16.98
CA LEU J 106 -9.20 11.48 -16.03
C LEU J 106 -7.79 11.36 -16.56
N ILE J 107 -6.82 11.84 -15.79
CA ILE J 107 -5.45 11.93 -16.25
C ILE J 107 -4.43 11.36 -15.25
N ALA J 108 -3.55 10.49 -15.72
CA ALA J 108 -2.50 9.88 -14.90
C ALA J 108 -1.16 10.68 -14.95
N PHE J 109 -0.70 11.16 -13.80
CA PHE J 109 0.64 11.71 -13.68
C PHE J 109 1.56 10.68 -13.03
N PRO J 110 2.87 10.90 -13.11
CA PRO J 110 3.76 9.88 -12.57
C PRO J 110 3.50 9.49 -11.11
N LEU J 111 3.10 10.44 -10.27
CA LEU J 111 2.95 10.19 -8.84
C LEU J 111 1.50 10.09 -8.37
N GLY J 112 0.55 10.29 -9.26
CA GLY J 112 -0.83 10.30 -8.84
C GLY J 112 -1.78 10.68 -9.93
N THR J 113 -3.07 10.61 -9.60
CA THR J 113 -4.14 10.73 -10.59
C THR J 113 -4.92 12.04 -10.43
N GLY J 114 -5.29 12.65 -11.55
CA GLY J 114 -6.09 13.89 -11.52
C GLY J 114 -7.31 13.84 -12.40
N ILE J 115 -8.24 14.74 -12.15
CA ILE J 115 -9.43 14.93 -13.01
C ILE J 115 -9.42 16.35 -13.47
N VAL J 116 -9.42 16.55 -14.78
CA VAL J 116 -9.51 17.90 -15.35
C VAL J 116 -10.92 18.16 -15.81
N SER J 117 -11.50 19.27 -15.38
CA SER J 117 -12.79 19.68 -15.89
C SER J 117 -12.87 21.19 -16.04
N VAL J 118 -13.83 21.65 -16.83
CA VAL J 118 -13.99 23.08 -17.03
C VAL J 118 -15.39 23.50 -16.68
N ASP J 119 -15.52 24.65 -16.02
CA ASP J 119 -16.84 25.16 -15.67
C ASP J 119 -16.85 26.68 -15.72
N GLU J 120 -17.61 27.23 -16.69
CA GLU J 120 -17.76 28.69 -16.83
C GLU J 120 -16.42 29.32 -17.24
N GLY J 121 -15.69 28.67 -18.12
CA GLY J 121 -14.36 29.14 -18.45
C GLY J 121 -13.29 29.06 -17.35
N ILE J 122 -13.63 28.46 -16.19
CA ILE J 122 -12.63 28.12 -15.14
C ILE J 122 -12.18 26.65 -15.24
N LEU J 123 -10.90 26.45 -15.49
CA LEU J 123 -10.34 25.09 -15.50
C LEU J 123 -9.99 24.62 -14.09
N THR J 124 -10.44 23.43 -13.75
CA THR J 124 -10.12 22.81 -12.47
C THR J 124 -9.38 21.50 -12.67
N LEU J 125 -8.26 21.35 -11.96
CA LEU J 125 -7.60 20.06 -11.85
C LEU J 125 -7.70 19.62 -10.42
N GLU J 126 -8.43 18.54 -10.19
CA GLU J 126 -8.45 17.92 -8.84
C GLU J 126 -7.52 16.74 -8.79
N ILE J 127 -6.89 16.55 -7.64
CA ILE J 127 -5.93 15.45 -7.46
C ILE J 127 -6.34 14.52 -6.34
N SER J 128 -5.97 13.25 -6.50
CA SER J 128 -6.29 12.19 -5.53
C SER J 128 -5.36 12.19 -4.32
N ARG J 129 -4.13 12.67 -4.52
CA ARG J 129 -3.18 12.86 -3.42
C ARG J 129 -2.33 14.11 -3.72
N SER J 130 -1.71 14.70 -2.69
CA SER J 130 -0.77 15.79 -2.93
C SER J 130 0.40 15.30 -3.77
N LEU J 131 0.80 16.12 -4.73
CA LEU J 131 1.92 15.78 -5.60
C LEU J 131 3.09 16.74 -5.38
N PRO J 132 4.23 16.24 -4.82
CA PRO J 132 5.42 17.07 -4.66
C PRO J 132 5.93 17.61 -6.00
N GLU J 133 5.74 16.83 -7.05
CA GLU J 133 5.92 17.30 -8.43
C GLU J 133 4.86 16.66 -9.35
N VAL J 134 4.24 17.47 -10.19
CA VAL J 134 3.20 16.99 -11.06
C VAL J 134 3.78 16.17 -12.24
N GLY J 135 4.73 16.76 -12.98
CA GLY J 135 5.30 16.15 -14.16
C GLY J 135 4.37 16.29 -15.37
N SER J 136 4.42 15.27 -16.24
CA SER J 136 3.60 15.26 -17.41
C SER J 136 2.64 14.06 -17.44
N GLY J 137 1.50 14.24 -18.12
CA GLY J 137 0.64 13.16 -18.48
C GLY J 137 -0.33 13.61 -19.55
N SER J 138 -1.10 12.65 -20.07
CA SER J 138 -2.07 12.90 -21.10
C SER J 138 -3.31 12.06 -20.85
N SER J 139 -4.41 12.48 -21.46
CA SER J 139 -5.69 11.83 -21.34
C SER J 139 -6.37 12.02 -22.68
N PHE J 140 -6.92 10.94 -23.24
CA PHE J 140 -7.56 11.03 -24.52
C PHE J 140 -8.84 10.21 -24.57
N TYR J 141 -9.69 10.50 -25.55
CA TYR J 141 -10.77 9.60 -25.90
C TYR J 141 -10.90 9.47 -27.40
N LEU J 142 -11.46 8.34 -27.85
CA LEU J 142 -11.74 8.07 -29.26
C LEU J 142 -13.25 8.04 -29.45
N THR J 143 -13.71 8.61 -30.56
CA THR J 143 -15.15 8.69 -30.85
C THR J 143 -15.49 8.52 -32.34
N GLU J 144 -16.71 8.06 -32.61
CA GLU J 144 -17.17 7.81 -33.97
C GLU J 144 -18.27 8.81 -34.35
N PRO K 37 14.40 8.97 -43.62
CA PRO K 37 13.91 9.29 -42.25
C PRO K 37 12.41 8.99 -41.85
N SER K 38 11.58 10.00 -41.59
CA SER K 38 10.25 9.76 -40.92
C SER K 38 9.10 9.22 -41.80
N LYS K 39 8.05 8.69 -41.15
CA LYS K 39 6.92 7.97 -41.81
C LYS K 39 5.84 7.36 -40.84
N THR K 40 4.72 8.08 -40.53
CA THR K 40 3.49 7.32 -40.10
C THR K 40 3.13 6.45 -41.29
N SER K 41 3.37 5.15 -41.18
CA SER K 41 3.01 4.24 -42.28
C SER K 41 1.77 3.35 -41.97
N LEU K 42 0.97 3.74 -40.95
CA LEU K 42 -0.22 2.96 -40.54
C LEU K 42 -1.02 3.59 -39.37
N ASP K 43 -2.34 3.53 -39.49
CA ASP K 43 -3.28 3.96 -38.44
C ASP K 43 -4.62 3.23 -38.54
N ILE K 44 -4.77 2.15 -37.80
CA ILE K 44 -6.06 1.49 -37.70
C ILE K 44 -6.77 2.06 -36.49
N ALA K 45 -8.09 2.15 -36.55
CA ALA K 45 -8.87 2.45 -35.35
C ALA K 45 -10.13 1.60 -35.37
N GLU K 46 -10.50 1.01 -34.24
CA GLU K 46 -11.79 0.34 -34.16
C GLU K 46 -12.41 0.27 -32.78
N GLU K 47 -13.73 0.15 -32.74
CA GLU K 47 -14.44 -0.05 -31.51
C GLU K 47 -14.77 -1.52 -31.37
N LEU K 48 -14.51 -2.07 -30.19
CA LEU K 48 -14.80 -3.46 -29.85
C LEU K 48 -15.79 -3.49 -28.69
N GLN K 49 -16.60 -4.54 -28.62
CA GLN K 49 -17.67 -4.62 -27.62
C GLN K 49 -17.86 -6.08 -27.16
N ASN K 50 -18.09 -6.33 -25.88
CA ASN K 50 -18.38 -7.71 -25.47
C ASN K 50 -19.83 -7.82 -25.01
N ASP K 51 -20.31 -9.06 -24.82
CA ASP K 51 -21.74 -9.34 -24.46
C ASP K 51 -22.40 -8.27 -23.58
N LYS K 52 -21.64 -7.76 -22.60
CA LYS K 52 -22.18 -6.97 -21.50
C LYS K 52 -22.41 -5.45 -21.75
N GLY K 53 -22.03 -4.95 -22.93
CA GLY K 53 -22.12 -3.50 -23.21
C GLY K 53 -20.89 -2.66 -22.84
N VAL K 54 -19.77 -3.33 -22.57
CA VAL K 54 -18.50 -2.66 -22.32
C VAL K 54 -17.82 -2.43 -23.68
N SER K 55 -17.54 -1.16 -23.99
CA SER K 55 -16.94 -0.79 -25.29
C SER K 55 -15.53 -0.27 -25.07
N PHE K 56 -14.64 -0.73 -25.93
CA PHE K 56 -13.31 -0.22 -26.02
C PHE K 56 -13.05 0.34 -27.40
N ALA K 57 -12.38 1.48 -27.47
CA ALA K 57 -11.85 1.91 -28.73
C ALA K 57 -10.35 1.67 -28.73
N PHE K 58 -9.83 1.07 -29.81
CA PHE K 58 -8.40 0.91 -29.98
C PHE K 58 -7.86 1.68 -31.19
N GLN K 59 -6.67 2.26 -31.06
CA GLN K 59 -5.96 2.77 -32.21
C GLN K 59 -4.56 2.16 -32.28
N ALA K 60 -4.25 1.57 -33.43
CA ALA K 60 -2.94 1.00 -33.65
C ALA K 60 -2.17 1.96 -34.55
N ARG K 61 -0.91 2.22 -34.24
CA ARG K 61 -0.14 3.11 -35.06
C ARG K 61 1.25 2.54 -35.29
N GLU K 62 1.75 2.68 -36.51
CA GLU K 62 3.13 2.36 -36.82
C GLU K 62 3.84 3.59 -37.40
N GLU K 63 5.10 3.78 -37.01
CA GLU K 63 5.89 4.95 -37.40
C GLU K 63 7.30 4.48 -37.75
N GLU K 64 7.87 5.10 -38.79
CA GLU K 64 9.25 4.77 -39.14
C GLU K 64 10.16 5.91 -38.80
N LEU K 65 11.27 5.58 -38.15
CA LEU K 65 12.20 6.61 -37.65
C LEU K 65 13.62 6.21 -38.06
N GLY K 66 13.94 6.46 -39.32
CA GLY K 66 15.19 5.94 -39.87
C GLY K 66 15.34 4.43 -39.66
N ALA K 67 16.33 4.02 -38.86
CA ALA K 67 16.61 2.58 -38.62
C ALA K 67 15.56 1.84 -37.78
N PHE K 68 14.68 2.62 -37.13
CA PHE K 68 13.75 2.07 -36.13
C PHE K 68 12.29 2.19 -36.54
N THR K 69 11.50 1.23 -36.07
CA THR K 69 10.06 1.30 -36.16
C THR K 69 9.46 1.40 -34.76
N LYS K 70 8.40 2.19 -34.64
CA LYS K 70 7.66 2.24 -33.40
C LYS K 70 6.26 1.77 -33.65
N ARG K 71 5.77 0.88 -32.79
CA ARG K 71 4.35 0.46 -32.85
C ARG K 71 3.66 0.79 -31.55
N THR K 72 2.60 1.58 -31.65
CA THR K 72 1.88 1.98 -30.46
C THR K 72 0.44 1.53 -30.50
N LEU K 73 -0.01 0.99 -29.37
CA LEU K 73 -1.41 0.70 -29.16
C LEU K 73 -1.99 1.78 -28.23
N PHE K 74 -3.15 2.33 -28.60
CA PHE K 74 -3.89 3.29 -27.78
C PHE K 74 -5.21 2.64 -27.42
N ALA K 75 -5.69 2.85 -26.19
CA ALA K 75 -6.90 2.19 -25.74
C ALA K 75 -7.71 3.12 -24.85
N TYR K 76 -8.99 3.23 -25.14
CA TYR K 76 -9.86 4.05 -24.35
C TYR K 76 -11.15 3.31 -24.06
N SER K 77 -11.67 3.47 -22.85
CA SER K 77 -13.02 3.04 -22.51
C SER K 77 -13.58 3.90 -21.40
N GLY K 78 -14.83 4.31 -21.57
CA GLY K 78 -15.54 5.04 -20.54
C GLY K 78 -16.16 4.13 -19.50
N ASP K 79 -16.21 2.84 -19.81
CA ASP K 79 -16.82 1.83 -18.93
C ASP K 79 -15.90 1.36 -17.78
N GLY K 80 -16.51 0.72 -16.78
CA GLY K 80 -15.79 0.08 -15.71
C GLY K 80 -15.58 -1.38 -16.07
N LEU K 81 -14.69 -2.06 -15.38
CA LEU K 81 -14.33 -3.40 -15.78
C LEU K 81 -13.94 -4.19 -14.55
N THR K 82 -14.48 -5.39 -14.41
CA THR K 82 -14.14 -6.18 -13.24
C THR K 82 -13.35 -7.42 -13.64
N GLY K 83 -13.83 -8.15 -14.63
CA GLY K 83 -13.10 -9.31 -15.15
C GLY K 83 -12.36 -8.95 -16.45
N PRO K 84 -11.86 -9.97 -17.18
CA PRO K 84 -11.21 -9.73 -18.48
C PRO K 84 -12.18 -9.21 -19.55
N PHE K 85 -11.67 -8.49 -20.54
CA PHE K 85 -12.49 -8.02 -21.64
C PHE K 85 -12.13 -8.86 -22.84
N LYS K 86 -13.09 -9.65 -23.35
CA LYS K 86 -12.91 -10.44 -24.60
C LYS K 86 -13.85 -9.96 -25.73
N ALA K 87 -13.29 -9.72 -26.90
CA ALA K 87 -14.07 -9.30 -28.04
C ALA K 87 -13.35 -9.68 -29.35
N PRO K 88 -14.14 -9.97 -30.42
CA PRO K 88 -13.46 -10.34 -31.66
C PRO K 88 -12.88 -9.11 -32.31
N ALA K 89 -11.68 -9.24 -32.88
CA ALA K 89 -11.00 -8.11 -33.55
C ALA K 89 -10.94 -8.33 -35.07
N SER K 90 -10.77 -7.24 -35.82
CA SER K 90 -10.51 -7.34 -37.24
C SER K 90 -9.17 -8.06 -37.46
N ALA K 91 -8.92 -8.49 -38.69
CA ALA K 91 -7.70 -9.21 -39.02
C ALA K 91 -6.48 -8.28 -39.03
N GLU K 92 -6.71 -7.01 -39.37
CA GLU K 92 -5.62 -6.04 -39.34
C GLU K 92 -5.08 -5.84 -37.90
N LEU K 93 -6.01 -5.63 -36.96
CA LEU K 93 -5.66 -5.44 -35.57
C LEU K 93 -4.97 -6.68 -34.99
N SER K 94 -5.55 -7.87 -35.26
CA SER K 94 -4.98 -9.11 -34.75
C SER K 94 -3.55 -9.25 -35.22
N SER K 95 -3.33 -8.79 -36.44
CA SER K 95 -2.04 -8.89 -37.09
C SER K 95 -1.04 -7.96 -36.40
N PHE K 96 -1.46 -6.72 -36.20
CA PHE K 96 -0.69 -5.72 -35.46
C PHE K 96 -0.34 -6.20 -34.04
N LEU K 97 -1.34 -6.68 -33.30
CA LEU K 97 -1.16 -7.08 -31.90
C LEU K 97 -0.25 -8.29 -31.71
N THR K 98 -0.17 -9.13 -32.74
CA THR K 98 0.66 -10.33 -32.72
C THR K 98 2.11 -10.00 -32.97
N ALA K 99 2.34 -8.86 -33.62
CA ALA K 99 3.68 -8.41 -33.92
C ALA K 99 4.61 -8.14 -32.69
N HIS K 100 4.05 -7.85 -31.52
CA HIS K 100 4.85 -7.50 -30.33
C HIS K 100 5.84 -8.58 -29.92
N PRO K 101 7.12 -8.21 -29.67
CA PRO K 101 8.17 -9.15 -29.28
C PRO K 101 7.86 -10.01 -28.05
N LYS K 102 6.92 -9.60 -27.21
CA LYS K 102 6.57 -10.42 -26.05
C LYS K 102 5.24 -11.13 -26.27
N GLY K 103 4.62 -10.87 -27.41
CA GLY K 103 3.35 -11.47 -27.75
C GLY K 103 2.18 -10.94 -26.95
N ARG K 104 2.39 -9.77 -26.33
CA ARG K 104 1.35 -9.07 -25.58
C ARG K 104 1.78 -7.68 -25.15
N TRP K 105 0.78 -6.85 -24.87
CA TRP K 105 0.98 -5.43 -24.67
C TRP K 105 0.68 -5.04 -23.22
N LEU K 106 1.72 -4.81 -22.43
CA LEU K 106 1.55 -4.31 -21.06
C LEU K 106 1.19 -2.83 -21.15
N ILE K 107 0.05 -2.45 -20.58
CA ILE K 107 -0.51 -1.11 -20.76
C ILE K 107 -0.99 -0.50 -19.45
N ALA K 108 -0.57 0.73 -19.15
CA ALA K 108 -0.94 1.43 -17.91
C ALA K 108 -2.17 2.34 -18.06
N PHE K 109 -3.20 2.08 -17.29
CA PHE K 109 -4.34 2.98 -17.22
C PHE K 109 -4.25 3.84 -15.93
N PRO K 110 -5.02 4.93 -15.85
CA PRO K 110 -4.88 5.78 -14.67
C PRO K 110 -4.98 5.00 -13.33
N LEU K 111 -5.91 4.04 -13.22
CA LEU K 111 -6.19 3.36 -11.95
C LEU K 111 -5.61 1.93 -11.83
N GLY K 112 -4.91 1.45 -12.85
CA GLY K 112 -4.40 0.12 -12.84
C GLY K 112 -3.75 -0.33 -14.14
N THR K 113 -3.20 -1.53 -14.09
CA THR K 113 -2.41 -2.07 -15.19
C THR K 113 -3.08 -3.22 -15.93
N GLY K 114 -2.97 -3.26 -17.25
CA GLY K 114 -3.54 -4.36 -18.02
C GLY K 114 -2.60 -4.99 -19.01
N ILE K 115 -3.00 -6.13 -19.55
CA ILE K 115 -2.23 -6.84 -20.58
C ILE K 115 -3.20 -7.06 -21.73
N VAL K 116 -2.81 -6.63 -22.92
CA VAL K 116 -3.59 -6.90 -24.10
C VAL K 116 -2.87 -7.96 -24.90
N SER K 117 -3.62 -8.97 -25.31
CA SER K 117 -3.09 -10.02 -26.18
C SER K 117 -4.19 -10.45 -27.13
N VAL K 118 -3.79 -11.12 -28.21
CA VAL K 118 -4.76 -11.61 -29.18
C VAL K 118 -4.53 -13.09 -29.42
N ASP K 119 -5.61 -13.83 -29.58
CA ASP K 119 -5.51 -15.25 -29.84
C ASP K 119 -6.70 -15.69 -30.68
N GLU K 120 -6.39 -16.15 -31.90
CA GLU K 120 -7.41 -16.64 -32.81
C GLU K 120 -8.37 -15.51 -33.25
N GLY K 121 -7.87 -14.28 -33.37
CA GLY K 121 -8.76 -13.17 -33.68
C GLY K 121 -9.63 -12.68 -32.52
N ILE K 122 -9.46 -13.29 -31.34
CA ILE K 122 -10.11 -12.79 -30.08
C ILE K 122 -9.14 -11.92 -29.27
N LEU K 123 -9.52 -10.66 -29.09
CA LEU K 123 -8.73 -9.76 -28.25
C LEU K 123 -9.07 -9.94 -26.75
N THR K 124 -8.03 -10.10 -25.92
CA THR K 124 -8.24 -10.17 -24.49
C THR K 124 -7.50 -9.04 -23.80
N LEU K 125 -8.20 -8.37 -22.90
CA LEU K 125 -7.59 -7.42 -22.00
C LEU K 125 -7.75 -7.93 -20.59
N GLU K 126 -6.65 -8.33 -19.95
CA GLU K 126 -6.66 -8.76 -18.56
C GLU K 126 -6.24 -7.58 -17.68
N ILE K 127 -6.86 -7.47 -16.50
CA ILE K 127 -6.53 -6.37 -15.57
C ILE K 127 -6.03 -6.89 -14.21
N SER K 128 -5.20 -6.10 -13.55
CA SER K 128 -4.56 -6.51 -12.29
C SER K 128 -5.48 -6.20 -11.10
N ARG K 129 -6.38 -5.26 -11.29
CA ARG K 129 -7.41 -4.98 -10.29
C ARG K 129 -8.66 -4.53 -11.01
N SER K 130 -9.81 -4.60 -10.35
CA SER K 130 -11.05 -4.07 -10.94
C SER K 130 -10.92 -2.57 -11.12
N LEU K 131 -11.40 -2.08 -12.26
CA LEU K 131 -11.33 -0.68 -12.55
C LEU K 131 -12.74 -0.15 -12.66
N PRO K 132 -13.15 0.73 -11.72
CA PRO K 132 -14.45 1.44 -11.80
C PRO K 132 -14.57 2.32 -13.07
N GLU K 133 -13.44 2.86 -13.55
CA GLU K 133 -13.34 3.42 -14.89
C GLU K 133 -11.97 3.08 -15.49
N VAL K 134 -11.97 2.70 -16.76
CA VAL K 134 -10.73 2.33 -17.42
C VAL K 134 -9.91 3.56 -17.84
N GLY K 135 -10.54 4.53 -18.53
CA GLY K 135 -9.87 5.71 -19.05
C GLY K 135 -9.01 5.38 -20.27
N SER K 136 -7.92 6.12 -20.42
CA SER K 136 -7.08 5.94 -21.55
C SER K 136 -5.66 5.51 -21.14
N GLY K 137 -4.99 4.82 -22.06
CA GLY K 137 -3.60 4.49 -21.91
C GLY K 137 -3.03 4.05 -23.22
N SER K 138 -1.72 3.91 -23.27
CA SER K 138 -1.03 3.46 -24.46
C SER K 138 0.12 2.57 -24.09
N SER K 139 0.56 1.77 -25.06
CA SER K 139 1.66 0.87 -24.88
C SER K 139 2.36 0.84 -26.21
N PHE K 140 3.68 0.85 -26.21
CA PHE K 140 4.43 0.81 -27.45
C PHE K 140 5.73 0.02 -27.33
N TYR K 141 6.30 -0.32 -28.47
CA TYR K 141 7.67 -0.81 -28.46
C TYR K 141 8.41 -0.25 -29.65
N LEU K 142 9.74 -0.23 -29.54
CA LEU K 142 10.63 0.24 -30.61
C LEU K 142 11.49 -0.92 -31.06
N THR K 143 11.70 -1.02 -32.35
CA THR K 143 12.47 -2.13 -32.90
C THR K 143 13.35 -1.76 -34.09
N GLU K 144 14.42 -2.52 -34.29
CA GLU K 144 15.37 -2.29 -35.37
C GLU K 144 15.30 -3.37 -36.43
N LYS L 39 5.45 21.42 -37.81
CA LYS L 39 5.09 20.54 -36.68
C LYS L 39 6.35 19.89 -36.06
N THR L 40 6.58 18.63 -36.43
CA THR L 40 7.75 17.86 -35.95
C THR L 40 9.05 18.36 -36.57
N SER L 41 9.87 19.03 -35.76
CA SER L 41 11.19 19.44 -36.23
C SER L 41 12.39 18.52 -35.81
N LEU L 42 12.09 17.29 -35.36
CA LEU L 42 13.15 16.37 -34.86
C LEU L 42 12.60 15.02 -34.42
N ASP L 43 13.37 13.97 -34.75
CA ASP L 43 13.13 12.61 -34.26
C ASP L 43 14.41 11.81 -34.22
N ILE L 44 15.03 11.71 -33.05
CA ILE L 44 16.17 10.79 -32.88
C ILE L 44 15.62 9.50 -32.29
N ALA L 45 16.20 8.37 -32.65
CA ALA L 45 15.91 7.11 -31.99
C ALA L 45 17.20 6.36 -31.81
N GLU L 46 17.43 5.75 -30.65
CA GLU L 46 18.56 4.84 -30.54
C GLU L 46 18.40 3.76 -29.50
N GLU L 47 19.18 2.70 -29.67
CA GLU L 47 19.21 1.63 -28.69
C GLU L 47 20.46 1.77 -27.84
N LEU L 48 20.29 1.65 -26.53
CA LEU L 48 21.38 1.72 -25.59
C LEU L 48 21.47 0.42 -24.84
N GLN L 49 22.67 0.07 -24.42
CA GLN L 49 22.89 -1.21 -23.79
C GLN L 49 23.99 -1.17 -22.71
N ASN L 50 23.95 -2.10 -21.77
CA ASN L 50 25.01 -2.24 -20.80
C ASN L 50 25.61 -3.63 -20.85
N ASP L 51 26.75 -3.79 -20.20
CA ASP L 51 27.51 -5.05 -20.20
C ASP L 51 26.85 -6.16 -19.34
N LYS L 52 25.56 -6.05 -19.13
CA LYS L 52 24.81 -6.93 -18.24
C LYS L 52 23.49 -7.37 -18.93
N GLY L 53 23.47 -7.26 -20.26
CA GLY L 53 22.37 -7.77 -21.10
C GLY L 53 21.01 -7.06 -21.02
N VAL L 54 21.03 -5.75 -20.71
CA VAL L 54 19.86 -4.86 -20.72
C VAL L 54 19.92 -3.89 -21.90
N SER L 55 18.80 -3.77 -22.60
CA SER L 55 18.67 -2.86 -23.75
C SER L 55 17.52 -1.92 -23.57
N PHE L 56 17.78 -0.65 -23.83
CA PHE L 56 16.72 0.34 -23.84
C PHE L 56 16.68 0.99 -25.17
N ALA L 57 15.49 1.18 -25.71
CA ALA L 57 15.33 1.98 -26.93
C ALA L 57 14.78 3.31 -26.50
N PHE L 58 15.37 4.40 -26.98
CA PHE L 58 14.82 5.72 -26.73
C PHE L 58 14.43 6.43 -28.00
N GLN L 59 13.36 7.20 -27.96
CA GLN L 59 13.06 8.11 -29.03
C GLN L 59 12.90 9.50 -28.45
N ALA L 60 13.59 10.46 -29.04
CA ALA L 60 13.44 11.87 -28.66
C ALA L 60 12.72 12.61 -29.79
N ARG L 61 11.75 13.44 -29.41
CA ARG L 61 10.96 14.11 -30.40
C ARG L 61 10.75 15.56 -30.01
N GLU L 62 10.90 16.47 -30.98
CA GLU L 62 10.60 17.86 -30.77
C GLU L 62 9.50 18.29 -31.72
N GLU L 63 8.58 19.13 -31.25
CA GLU L 63 7.41 19.56 -32.02
C GLU L 63 7.15 21.02 -31.77
N GLU L 64 6.81 21.75 -32.82
CA GLU L 64 6.51 23.17 -32.66
C GLU L 64 5.04 23.39 -32.80
N LEU L 65 4.49 24.20 -31.89
CA LEU L 65 3.04 24.43 -31.82
C LEU L 65 2.79 25.92 -31.67
N GLY L 66 2.96 26.68 -32.76
CA GLY L 66 2.89 28.14 -32.69
C GLY L 66 3.92 28.66 -31.69
N ALA L 67 3.45 29.32 -30.62
CA ALA L 67 4.31 29.92 -29.60
C ALA L 67 5.10 28.89 -28.73
N PHE L 68 4.66 27.63 -28.76
CA PHE L 68 5.18 26.58 -27.86
C PHE L 68 5.99 25.50 -28.56
N THR L 69 6.98 24.99 -27.81
CA THR L 69 7.69 23.76 -28.19
C THR L 69 7.38 22.64 -27.20
N LYS L 70 7.23 21.41 -27.72
CA LYS L 70 7.08 20.24 -26.91
C LYS L 70 8.25 19.33 -27.14
N ARG L 71 8.86 18.87 -26.06
CA ARG L 71 9.90 17.84 -26.18
C ARG L 71 9.51 16.57 -25.43
N THR L 72 9.47 15.45 -26.14
CA THR L 72 9.05 14.17 -25.59
C THR L 72 10.17 13.16 -25.63
N LEU L 73 10.40 12.53 -24.49
CA LEU L 73 11.24 11.33 -24.47
C LEU L 73 10.34 10.09 -24.39
N PHE L 74 10.61 9.10 -25.24
CA PHE L 74 9.91 7.83 -25.21
C PHE L 74 10.91 6.74 -24.86
N ALA L 75 10.53 5.82 -23.99
CA ALA L 75 11.45 4.74 -23.59
C ALA L 75 10.77 3.38 -23.59
N TYR L 76 11.49 2.40 -24.08
CA TYR L 76 11.01 1.05 -24.07
C TYR L 76 12.12 0.05 -23.68
N SER L 77 11.79 -0.92 -22.87
CA SER L 77 12.67 -2.04 -22.65
C SER L 77 11.86 -3.28 -22.32
N GLY L 78 12.25 -4.39 -22.91
CA GLY L 78 11.58 -5.62 -22.60
C GLY L 78 12.22 -6.29 -21.40
N ASP L 79 13.36 -5.76 -20.96
CA ASP L 79 14.13 -6.35 -19.87
C ASP L 79 13.60 -5.91 -18.51
N GLY L 80 14.02 -6.63 -17.47
CA GLY L 80 13.78 -6.24 -16.10
C GLY L 80 14.95 -5.44 -15.57
N LEU L 81 14.75 -4.73 -14.48
CA LEU L 81 15.77 -3.83 -13.98
C LEU L 81 15.74 -3.76 -12.46
N THR L 82 16.88 -3.98 -11.82
CA THR L 82 16.90 -3.91 -10.37
C THR L 82 17.63 -2.68 -9.88
N GLY L 83 18.82 -2.39 -10.41
CA GLY L 83 19.53 -1.15 -10.07
C GLY L 83 19.35 -0.12 -11.16
N PRO L 84 20.18 0.95 -11.15
CA PRO L 84 20.15 1.97 -12.21
C PRO L 84 20.68 1.43 -13.54
N PHE L 85 20.21 2.03 -14.62
CA PHE L 85 20.70 1.68 -15.93
C PHE L 85 21.63 2.81 -16.40
N LYS L 86 22.89 2.45 -16.67
CA LYS L 86 23.90 3.40 -17.20
C LYS L 86 24.43 2.93 -18.55
N ALA L 87 24.42 3.83 -19.52
CA ALA L 87 24.94 3.50 -20.84
C ALA L 87 25.36 4.78 -21.55
N PRO L 88 26.38 4.70 -22.44
CA PRO L 88 26.78 5.91 -23.17
C PRO L 88 25.76 6.31 -24.25
N ALA L 89 25.49 7.60 -24.37
CA ALA L 89 24.53 8.06 -25.36
C ALA L 89 25.23 8.83 -26.47
N SER L 90 24.59 8.92 -27.64
CA SER L 90 25.08 9.76 -28.71
C SER L 90 25.05 11.22 -28.23
N ALA L 91 25.76 12.09 -28.94
CA ALA L 91 25.83 13.51 -28.58
C ALA L 91 24.50 14.20 -28.82
N GLU L 92 23.73 13.70 -29.79
CA GLU L 92 22.43 14.33 -30.10
C GLU L 92 21.46 14.11 -28.97
N LEU L 93 21.44 12.86 -28.49
CA LEU L 93 20.57 12.47 -27.38
C LEU L 93 20.98 13.20 -26.09
N SER L 94 22.29 13.23 -25.78
CA SER L 94 22.77 13.93 -24.60
C SER L 94 22.31 15.37 -24.63
N SER L 95 22.29 15.93 -25.84
CA SER L 95 21.99 17.32 -26.04
C SER L 95 20.54 17.55 -25.75
N PHE L 96 19.69 16.70 -26.32
CA PHE L 96 18.24 16.72 -26.11
C PHE L 96 17.84 16.59 -24.65
N LEU L 97 18.45 15.62 -23.96
CA LEU L 97 18.16 15.31 -22.57
C LEU L 97 18.57 16.40 -21.59
N THR L 98 19.62 17.14 -21.94
CA THR L 98 20.12 18.26 -21.11
C THR L 98 19.20 19.45 -21.18
N ALA L 99 18.46 19.56 -22.28
CA ALA L 99 17.55 20.69 -22.51
C ALA L 99 16.39 20.88 -21.51
N HIS L 100 15.99 19.81 -20.83
CA HIS L 100 14.88 19.85 -19.84
C HIS L 100 15.11 20.87 -18.72
N PRO L 101 14.11 21.73 -18.46
CA PRO L 101 14.16 22.74 -17.40
C PRO L 101 14.54 22.20 -16.00
N LYS L 102 14.39 20.91 -15.74
CA LYS L 102 14.76 20.41 -14.41
C LYS L 102 16.06 19.65 -14.47
N GLY L 103 16.62 19.55 -15.67
CA GLY L 103 17.87 18.80 -15.89
C GLY L 103 17.70 17.30 -15.79
N ARG L 104 16.44 16.84 -15.80
CA ARG L 104 16.10 15.40 -15.81
C ARG L 104 14.66 15.12 -16.16
N TRP L 105 14.42 13.89 -16.58
CA TRP L 105 13.13 13.46 -17.09
C TRP L 105 12.44 12.45 -16.17
N LEU L 106 11.44 12.91 -15.41
CA LEU L 106 10.57 12.05 -14.60
C LEU L 106 9.62 11.26 -15.51
N ILE L 107 9.70 9.95 -15.47
CA ILE L 107 8.98 9.12 -16.44
C ILE L 107 8.26 7.94 -15.77
N ALA L 108 7.00 7.75 -16.13
CA ALA L 108 6.13 6.72 -15.55
C ALA L 108 6.07 5.48 -16.40
N PHE L 109 6.53 4.35 -15.87
CA PHE L 109 6.38 3.05 -16.54
C PHE L 109 5.18 2.30 -15.91
N PRO L 110 4.72 1.22 -16.56
CA PRO L 110 3.54 0.58 -16.01
C PRO L 110 3.69 0.17 -14.54
N LEU L 111 4.87 -0.31 -14.14
CA LEU L 111 5.06 -0.87 -12.79
C LEU L 111 5.81 0.05 -11.82
N GLY L 112 6.22 1.22 -12.28
CA GLY L 112 7.01 2.09 -11.45
C GLY L 112 7.53 3.34 -12.13
N THR L 113 8.21 4.17 -11.35
CA THR L 113 8.64 5.47 -11.79
C THR L 113 10.17 5.53 -11.95
N GLY L 114 10.62 6.19 -12.99
CA GLY L 114 12.04 6.44 -13.13
C GLY L 114 12.42 7.90 -13.41
N ILE L 115 13.71 8.18 -13.32
CA ILE L 115 14.23 9.51 -13.61
C ILE L 115 15.34 9.26 -14.61
N VAL L 116 15.26 9.92 -15.76
CA VAL L 116 16.31 9.85 -16.76
C VAL L 116 17.09 11.12 -16.71
N SER L 117 18.40 10.98 -16.58
CA SER L 117 19.32 12.11 -16.68
C SER L 117 20.55 11.76 -17.51
N VAL L 118 21.25 12.79 -17.96
CA VAL L 118 22.51 12.56 -18.70
C VAL L 118 23.61 13.39 -18.06
N ASP L 119 24.79 12.81 -18.01
CA ASP L 119 25.94 13.46 -17.44
C ASP L 119 27.18 12.98 -18.15
N GLU L 120 27.87 13.89 -18.84
CA GLU L 120 29.12 13.61 -19.55
C GLU L 120 28.89 12.57 -20.66
N GLY L 121 27.74 12.64 -21.32
CA GLY L 121 27.38 11.65 -22.32
C GLY L 121 27.05 10.25 -21.78
N ILE L 122 26.94 10.11 -20.46
CA ILE L 122 26.44 8.87 -19.87
C ILE L 122 24.97 9.06 -19.49
N LEU L 123 24.11 8.22 -20.08
CA LEU L 123 22.69 8.23 -19.70
C LEU L 123 22.47 7.36 -18.47
N THR L 124 21.73 7.90 -17.50
CA THR L 124 21.31 7.17 -16.29
C THR L 124 19.78 7.14 -16.16
N LEU L 125 19.26 5.96 -15.91
CA LEU L 125 17.88 5.82 -15.53
C LEU L 125 17.85 5.24 -14.15
N GLU L 126 17.39 6.03 -13.18
CA GLU L 126 17.22 5.54 -11.84
C GLU L 126 15.76 5.18 -11.62
N ILE L 127 15.52 4.14 -10.83
CA ILE L 127 14.17 3.64 -10.57
C ILE L 127 13.79 3.66 -9.09
N SER L 128 12.53 3.91 -8.81
CA SER L 128 12.02 3.95 -7.44
C SER L 128 11.86 2.56 -6.80
N ARG L 129 11.57 1.55 -7.61
CA ARG L 129 11.49 0.16 -7.17
C ARG L 129 12.04 -0.73 -8.27
N SER L 130 12.51 -1.92 -7.94
CA SER L 130 12.89 -2.92 -8.97
C SER L 130 11.71 -3.18 -9.91
N LEU L 131 11.99 -3.27 -11.20
CA LEU L 131 10.95 -3.55 -12.18
C LEU L 131 11.23 -4.87 -12.87
N PRO L 132 10.39 -5.91 -12.60
CA PRO L 132 10.52 -7.20 -13.30
C PRO L 132 10.44 -7.06 -14.82
N GLU L 133 9.66 -6.07 -15.27
CA GLU L 133 9.62 -5.64 -16.65
C GLU L 133 9.44 -4.14 -16.68
N VAL L 134 10.18 -3.48 -17.55
CA VAL L 134 10.11 -2.04 -17.63
C VAL L 134 8.90 -1.61 -18.48
N GLY L 135 8.75 -2.16 -19.68
CA GLY L 135 7.67 -1.76 -20.60
C GLY L 135 7.95 -0.44 -21.27
N SER L 136 6.90 0.32 -21.53
CA SER L 136 7.06 1.60 -22.19
C SER L 136 6.56 2.77 -21.35
N GLY L 137 7.10 3.95 -21.59
CA GLY L 137 6.57 5.16 -21.02
C GLY L 137 7.17 6.35 -21.70
N SER L 138 6.62 7.53 -21.40
CA SER L 138 7.08 8.73 -22.02
C SER L 138 7.07 9.84 -21.01
N SER L 139 7.91 10.83 -21.26
CA SER L 139 7.98 12.03 -20.42
C SER L 139 8.13 13.21 -21.37
N PHE L 140 7.38 14.29 -21.13
CA PHE L 140 7.53 15.47 -21.97
C PHE L 140 7.47 16.75 -21.19
N TYR L 141 7.87 17.85 -21.82
CA TYR L 141 7.62 19.18 -21.27
C TYR L 141 7.23 20.14 -22.39
N LEU L 142 6.46 21.16 -22.03
CA LEU L 142 6.06 22.23 -22.93
C LEU L 142 6.71 23.54 -22.52
N THR L 143 7.26 24.26 -23.51
CA THR L 143 7.96 25.52 -23.24
C THR L 143 7.63 26.66 -24.25
N GLU L 144 7.77 27.91 -23.79
CA GLU L 144 7.50 29.08 -24.61
C GLU L 144 8.79 29.82 -24.94
C1 GOL M . -0.18 -3.79 10.13
O1 GOL M . -1.21 -3.74 9.18
C2 GOL M . -0.76 -4.30 11.45
O2 GOL M . -1.18 -3.25 12.31
C3 GOL M . 0.16 -5.33 12.16
O3 GOL M . 1.53 -4.98 12.36
#